data_9AS4
#
_entry.id   9AS4
#
_cell.length_a   1.00
_cell.length_b   1.00
_cell.length_c   1.00
_cell.angle_alpha   90.00
_cell.angle_beta   90.00
_cell.angle_gamma   90.00
#
_symmetry.space_group_name_H-M   'P 1'
#
loop_
_entity.id
_entity.type
_entity.pdbx_description
1 polymer '5-hydroxytryptamine receptor 2A'
2 polymer 'G subunit q (Gi2-mini-Gq chimeric)'
3 polymer 'Guanine nucleotide-binding protein G(I)/G(S)/G(T) subunit beta-1'
4 polymer 'Guanine nucleotide-binding protein G(I)/G(S)/G(O) subunit gamma-2'
5 polymer 'single chain Fab (svFv16)'
6 non-polymer (8alpha)-N,N-diethyl-6-methyl-9,10-didehydroergoline-8-carboxamide
#
loop_
_entity_poly.entity_id
_entity_poly.type
_entity_poly.pdbx_seq_one_letter_code
_entity_poly.pdbx_strand_id
1 'polypeptide(L)'
;MDILCEENTSLSSTTNSLMQLNDDTRLYSNDFNSGEANTSDAFNWTVDSENRTNLSCEGCLSPSCLSLLHLQEKNWSALL
TAVVIILTIAGNILVIMAVSLEKKLQNATNYFLMSLAIADMLLGFLVMPVSMLTILYGYRWPLPSKLCAVWIYLDVLFST
ASIMHLCAISLDRYVAIQNPIHHSRFNSRTKAFLKIIAVWTISVGISMPIPVFGLQDDSKVFKEGSCLLADDNFVLIGSF
VSFFIPLTIMVITYFLTIKSLQKEATLCVSDLGTRAKLASFSFLPQSSLSSEKLFQRSIHREPGSYTGRRTMQSISNEQK
ACKVLGIVFFLFVVMWCPFFITNIMAVICKESCNEDVIGALLNVFVWIGYLSSAVNPLVYTLFNKTYRSAFSRYIQCQYK
ENKKPLQLILVNTIPALAYKSSQLQMGQKKNSKQDAKTTDNDCSMVALGKQHSEEASKDNSDGVNEKVSCV
;
A
2 'polypeptide(L)'
;MGSTVSAEDKAAAERSKMIDKNLREDGEKARRTLRLLLLGADNSGKSTIVKQMRILHGGSGGSGGTSGIFETKFQVDKVN
FHMFDVGGQRDERRKWIQCFNDVTAIIFVVDSSDYNRLQEALNDFKSIWNNRWLRTISVILFLNKQDLLAEKVLAGKSKI
EDYFPEFARYTTPEDATPEPGEDPRVTRAKYFIRKEFVDISTASGDGRHICYPHFTCAVDTENARRIFNDCKDIILQMNL
REYNLV
;
B
3 'polypeptide(L)'
;MHHHHHHLEVLFQGPGSSGSELDQLRQEAEQLKNQIRDARKACADATLSQITNNIDPVGRIQMRTRRTLRGHLAKIYAMH
WGTDSRLLVSASQDGKLIIWDSYTTNKVHAIPLRSSWVMTCAYAPSGNYVACGGLDNICSIYNLKTREGNVRVSRELAGH
TGYLSCCRFLDDNQIVTSSGDTTCALWDIETGQQTTTFTGHTGDVMSLSLAPDTRLFVSGACDASAKLWDVREGMCRQTF
TGHESDINAICFFPNGNAFATGSDDATCRLFDLRADQELMTYSHDNIICGITSVSFSKSGRLLLAGYDDFNCNVWDALKA
DRAGVLAGHDNRVSCLGVTDDGMAVATGSWDSFLKIWN
;
C
4 'polypeptide(L)' MASNNTASIAQARKLVEQLKMEANIDRIKVSKAAADLMAYCEAHAKEDPLLTPVPASENPFREKKFFCAIL D
5 'polypeptide(L)'
;DVQLVESGGGLVQPGGSRKLSCSASGFAFSSFGMHWVRQAPEKGLEWVAYISSGSGTIYYADTVKGRFTISRDDPKNTLF
LQMTSLRSEDTAMYYCVRSIYYYGSSPFDFWGQGTTLTVSSGGGGSGGGGSGGGGSDIVMTQATSSVPVTPGESVSISCR
SSKSLLHSNGNTYLYWFLQRPGQSPQLLIYRMSNLASGVPDRFSGSGSGTAFTLTISRLEAEDVGVYYCMQHLEYPLTFG
AGTKLELKAAALEVLFQGPHHHHHHHH
;
E
#
# COMPACT_ATOMS: atom_id res chain seq x y z
N VAL A 84 -10.02 -41.72 -17.77
CA VAL A 84 -10.37 -40.33 -18.10
C VAL A 84 -10.84 -39.63 -16.83
N ILE A 85 -11.51 -40.38 -15.94
CA ILE A 85 -11.95 -39.81 -14.67
C ILE A 85 -10.74 -39.49 -13.81
N ILE A 86 -9.82 -40.44 -13.67
CA ILE A 86 -8.61 -40.21 -12.88
C ILE A 86 -7.79 -39.09 -13.51
N LEU A 87 -7.67 -39.08 -14.83
CA LEU A 87 -6.94 -38.01 -15.50
C LEU A 87 -7.59 -36.66 -15.25
N THR A 88 -8.93 -36.58 -15.34
CA THR A 88 -9.63 -35.32 -15.10
C THR A 88 -9.38 -34.81 -13.68
N ILE A 89 -9.61 -35.67 -12.70
CA ILE A 89 -9.47 -35.24 -11.31
C ILE A 89 -8.03 -34.86 -11.01
N ALA A 90 -7.07 -35.69 -11.41
CA ALA A 90 -5.67 -35.42 -11.15
C ALA A 90 -5.13 -34.21 -11.92
N GLY A 91 -5.72 -33.88 -13.07
CA GLY A 91 -5.30 -32.72 -13.81
C GLY A 91 -5.82 -31.44 -13.21
N ASN A 92 -7.08 -31.43 -12.77
CA ASN A 92 -7.65 -30.23 -12.19
C ASN A 92 -7.20 -29.96 -10.76
N ILE A 93 -7.02 -30.99 -9.93
CA ILE A 93 -6.53 -30.73 -8.57
C ILE A 93 -5.07 -30.32 -8.55
N LEU A 94 -4.35 -30.44 -9.67
CA LEU A 94 -2.99 -29.90 -9.78
C LEU A 94 -2.98 -28.46 -10.26
N VAL A 95 -4.07 -27.97 -10.85
CA VAL A 95 -4.20 -26.59 -11.26
C VAL A 95 -4.80 -25.74 -10.16
N ILE A 96 -5.63 -26.35 -9.31
CA ILE A 96 -6.25 -25.58 -8.24
C ILE A 96 -5.21 -25.18 -7.19
N MET A 97 -4.25 -26.06 -6.89
CA MET A 97 -3.23 -25.68 -5.90
C MET A 97 -2.26 -24.66 -6.45
N ALA A 98 -1.89 -24.76 -7.73
CA ALA A 98 -0.85 -23.89 -8.28
C ALA A 98 -1.25 -22.43 -8.23
N VAL A 99 -2.55 -22.13 -8.22
CA VAL A 99 -3.03 -20.76 -8.04
C VAL A 99 -3.21 -20.47 -6.56
N LEU A 105 1.17 -16.95 -9.38
CA LEU A 105 0.09 -17.00 -10.35
C LEU A 105 -1.25 -16.66 -9.70
N GLN A 106 -1.41 -15.39 -9.32
CA GLN A 106 -2.63 -14.87 -8.73
C GLN A 106 -3.15 -13.70 -9.54
N ASN A 107 -2.99 -13.82 -10.86
CA ASN A 107 -3.41 -12.73 -11.78
C ASN A 107 -4.93 -12.72 -11.96
N ALA A 108 -5.47 -11.57 -12.34
CA ALA A 108 -6.91 -11.44 -12.58
C ALA A 108 -7.40 -12.36 -13.69
N THR A 109 -6.53 -12.70 -14.64
CA THR A 109 -6.86 -13.64 -15.71
C THR A 109 -6.60 -15.08 -15.34
N ASN A 110 -5.67 -15.34 -14.41
CA ASN A 110 -5.40 -16.71 -14.00
C ASN A 110 -6.46 -17.22 -13.04
N TYR A 111 -7.07 -16.34 -12.25
CA TYR A 111 -8.14 -16.79 -11.35
C TYR A 111 -9.33 -17.30 -12.14
N PHE A 112 -9.59 -16.73 -13.31
CA PHE A 112 -10.67 -17.23 -14.15
C PHE A 112 -10.43 -18.66 -14.59
N LEU A 113 -9.17 -19.05 -14.77
CA LEU A 113 -8.85 -20.43 -15.11
C LEU A 113 -9.10 -21.39 -13.95
N MET A 114 -9.10 -20.89 -12.71
CA MET A 114 -9.52 -21.72 -11.59
C MET A 114 -11.02 -21.96 -11.60
N SER A 115 -11.80 -20.96 -12.00
CA SER A 115 -13.24 -21.17 -12.15
C SER A 115 -13.55 -22.14 -13.27
N LEU A 116 -12.69 -22.20 -14.29
CA LEU A 116 -12.84 -23.21 -15.34
C LEU A 116 -12.41 -24.58 -14.83
N ALA A 117 -11.35 -24.63 -14.02
CA ALA A 117 -10.88 -25.90 -13.47
C ALA A 117 -11.77 -26.41 -12.34
N ILE A 118 -12.66 -25.56 -11.79
CA ILE A 118 -13.63 -26.01 -10.82
C ILE A 118 -14.89 -26.54 -11.48
N ALA A 119 -15.25 -26.03 -12.66
CA ALA A 119 -16.36 -26.55 -13.44
C ALA A 119 -16.06 -27.91 -14.05
N ASP A 120 -14.78 -28.28 -14.17
CA ASP A 120 -14.38 -29.57 -14.72
C ASP A 120 -14.03 -30.60 -13.65
N MET A 121 -13.46 -30.18 -12.52
CA MET A 121 -13.23 -31.12 -11.44
C MET A 121 -14.56 -31.64 -10.89
N LEU A 122 -15.53 -30.76 -10.75
CA LEU A 122 -16.87 -31.19 -10.36
C LEU A 122 -17.49 -32.08 -11.42
N LEU A 123 -17.28 -31.74 -12.69
CA LEU A 123 -17.74 -32.62 -13.78
C LEU A 123 -17.06 -33.98 -13.71
N GLY A 124 -15.83 -34.03 -13.21
CA GLY A 124 -15.07 -35.26 -13.15
C GLY A 124 -15.28 -36.12 -11.92
N PHE A 125 -16.09 -35.67 -10.97
CA PHE A 125 -16.34 -36.43 -9.74
C PHE A 125 -17.82 -36.66 -9.47
N LEU A 126 -18.71 -35.80 -9.97
CA LEU A 126 -20.15 -35.94 -9.77
C LEU A 126 -20.84 -36.57 -10.97
N VAL A 127 -20.61 -36.04 -12.16
CA VAL A 127 -21.33 -36.45 -13.36
C VAL A 127 -20.63 -37.60 -14.06
N MET A 128 -19.34 -37.47 -14.31
CA MET A 128 -18.60 -38.44 -15.11
C MET A 128 -18.58 -39.84 -14.49
N PRO A 129 -18.18 -40.01 -13.22
CA PRO A 129 -18.12 -41.37 -12.68
C PRO A 129 -19.47 -42.07 -12.59
N VAL A 130 -20.57 -41.32 -12.53
CA VAL A 130 -21.89 -41.94 -12.59
C VAL A 130 -22.07 -42.65 -13.93
N SER A 131 -21.65 -42.01 -15.02
CA SER A 131 -21.74 -42.61 -16.34
C SER A 131 -20.90 -43.88 -16.46
N MET A 132 -19.81 -43.99 -15.70
CA MET A 132 -19.04 -45.22 -15.70
C MET A 132 -19.86 -46.38 -15.16
N LEU A 133 -20.68 -46.13 -14.14
CA LEU A 133 -21.57 -47.17 -13.64
C LEU A 133 -22.61 -47.56 -14.68
N THR A 134 -23.13 -46.57 -15.42
CA THR A 134 -24.09 -46.86 -16.49
C THR A 134 -23.45 -47.71 -17.57
N ILE A 135 -22.19 -47.42 -17.93
CA ILE A 135 -21.49 -48.22 -18.91
C ILE A 135 -21.33 -49.66 -18.41
N LEU A 136 -21.01 -49.81 -17.11
CA LEU A 136 -20.82 -51.15 -16.55
C LEU A 136 -22.12 -51.95 -16.59
N TYR A 137 -23.25 -51.31 -16.28
CA TYR A 137 -24.54 -51.97 -16.23
C TYR A 137 -25.27 -51.98 -17.57
N GLY A 138 -24.63 -51.51 -18.64
CA GLY A 138 -25.21 -51.63 -19.97
C GLY A 138 -26.49 -50.83 -20.15
N TYR A 139 -26.42 -49.54 -19.86
CA TYR A 139 -27.46 -48.52 -20.09
C TYR A 139 -28.62 -48.62 -19.11
N ARG A 140 -28.66 -49.61 -18.23
CA ARG A 140 -29.69 -49.69 -17.20
C ARG A 140 -29.33 -48.77 -16.05
N TRP A 141 -30.28 -47.91 -15.68
CA TRP A 141 -30.03 -46.86 -14.69
C TRP A 141 -30.35 -47.40 -13.30
N PRO A 142 -29.36 -47.59 -12.41
CA PRO A 142 -29.75 -47.83 -11.02
C PRO A 142 -30.52 -46.65 -10.41
N SER A 145 -33.74 -43.64 -8.54
CA SER A 145 -34.51 -43.50 -9.78
C SER A 145 -34.90 -42.05 -10.03
N LYS A 146 -35.11 -41.31 -8.95
CA LYS A 146 -35.40 -39.88 -9.02
C LYS A 146 -34.13 -39.03 -9.13
N LEU A 147 -32.95 -39.65 -9.12
CA LEU A 147 -31.70 -38.95 -9.32
C LEU A 147 -31.32 -38.86 -10.80
N CYS A 148 -32.07 -39.49 -11.71
CA CYS A 148 -31.74 -39.41 -13.12
C CYS A 148 -31.89 -37.98 -13.65
N ALA A 149 -32.96 -37.29 -13.25
CA ALA A 149 -33.13 -35.91 -13.67
C ALA A 149 -32.11 -35.00 -13.01
N VAL A 150 -31.67 -35.35 -11.80
CA VAL A 150 -30.64 -34.56 -11.12
C VAL A 150 -29.30 -34.75 -11.81
N TRP A 151 -28.99 -35.97 -12.23
CA TRP A 151 -27.70 -36.23 -12.86
C TRP A 151 -27.58 -35.50 -14.19
N ILE A 152 -28.67 -35.44 -14.95
CA ILE A 152 -28.65 -34.71 -16.21
C ILE A 152 -28.50 -33.22 -15.96
N TYR A 153 -29.10 -32.72 -14.87
CA TYR A 153 -28.99 -31.31 -14.52
C TYR A 153 -27.54 -30.92 -14.30
N LEU A 154 -26.80 -31.73 -13.52
CA LEU A 154 -25.39 -31.46 -13.29
C LEU A 154 -24.59 -31.58 -14.57
N ASP A 155 -24.92 -32.57 -15.40
CA ASP A 155 -24.18 -32.80 -16.64
C ASP A 155 -24.32 -31.60 -17.59
N VAL A 156 -25.54 -31.09 -17.72
CA VAL A 156 -25.76 -29.93 -18.57
C VAL A 156 -25.17 -28.67 -17.93
N LEU A 157 -25.23 -28.58 -16.60
CA LEU A 157 -24.74 -27.39 -15.92
C LEU A 157 -23.24 -27.25 -16.07
N PHE A 158 -22.49 -28.30 -15.74
CA PHE A 158 -21.04 -28.23 -15.81
C PHE A 158 -20.53 -28.26 -17.24
N SER A 159 -21.26 -28.87 -18.16
CA SER A 159 -20.86 -28.85 -19.56
C SER A 159 -21.04 -27.47 -20.18
N THR A 160 -22.14 -26.79 -19.85
CA THR A 160 -22.34 -25.42 -20.35
C THR A 160 -21.47 -24.43 -19.60
N ALA A 161 -21.18 -24.69 -18.32
CA ALA A 161 -20.27 -23.82 -17.59
C ALA A 161 -18.87 -23.90 -18.17
N SER A 162 -18.46 -25.07 -18.67
CA SER A 162 -17.14 -25.20 -19.27
C SER A 162 -17.07 -24.51 -20.63
N ILE A 163 -18.10 -24.71 -21.47
CA ILE A 163 -18.04 -24.19 -22.83
C ILE A 163 -17.98 -22.67 -22.83
N MET A 164 -18.77 -22.02 -21.99
CA MET A 164 -18.76 -20.56 -21.93
C MET A 164 -17.58 -20.01 -21.14
N HIS A 165 -16.90 -20.82 -20.34
CA HIS A 165 -15.61 -20.40 -19.81
C HIS A 165 -14.61 -20.20 -20.93
N LEU A 166 -14.59 -21.13 -21.89
CA LEU A 166 -13.68 -21.00 -23.02
C LEU A 166 -14.10 -19.88 -23.95
N CYS A 167 -15.41 -19.66 -24.12
CA CYS A 167 -15.88 -18.54 -24.94
C CYS A 167 -15.50 -17.21 -24.31
N ALA A 168 -15.65 -17.08 -23.00
CA ALA A 168 -15.24 -15.85 -22.33
C ALA A 168 -13.74 -15.65 -22.42
N ILE A 169 -12.96 -16.72 -22.28
CA ILE A 169 -11.51 -16.62 -22.45
C ILE A 169 -11.18 -16.16 -23.85
N SER A 170 -11.83 -16.77 -24.86
CA SER A 170 -11.55 -16.40 -26.25
C SER A 170 -11.92 -14.96 -26.54
N LEU A 171 -13.09 -14.52 -26.07
CA LEU A 171 -13.49 -13.13 -26.29
C LEU A 171 -12.59 -12.16 -25.54
N ASP A 172 -12.22 -12.49 -24.29
CA ASP A 172 -11.29 -11.65 -23.56
C ASP A 172 -9.92 -11.62 -24.22
N ARG A 173 -9.47 -12.76 -24.74
CA ARG A 173 -8.17 -12.83 -25.38
C ARG A 173 -8.11 -12.01 -26.67
N TYR A 174 -9.24 -11.78 -27.33
CA TYR A 174 -9.23 -10.97 -28.54
C TYR A 174 -9.09 -9.49 -28.21
N VAL A 175 -9.81 -9.00 -27.21
CA VAL A 175 -9.71 -7.58 -26.86
C VAL A 175 -8.33 -7.27 -26.31
N ALA A 176 -7.73 -8.21 -25.60
CA ALA A 176 -6.37 -8.04 -25.10
C ALA A 176 -5.32 -8.06 -26.20
N ILE A 177 -5.68 -8.45 -27.42
CA ILE A 177 -4.76 -8.53 -28.54
C ILE A 177 -5.05 -7.46 -29.58
N GLN A 178 -6.32 -7.07 -29.74
CA GLN A 178 -6.66 -6.05 -30.72
C GLN A 178 -6.17 -4.68 -30.27
N ASN A 179 -6.65 -4.22 -29.12
CA ASN A 179 -6.35 -2.89 -28.59
C ASN A 179 -5.88 -3.05 -27.16
N PRO A 180 -4.62 -3.47 -26.94
CA PRO A 180 -4.16 -3.73 -25.57
C PRO A 180 -4.12 -2.50 -24.68
N ILE A 181 -4.01 -1.30 -25.25
CA ILE A 181 -3.94 -0.10 -24.40
C ILE A 181 -5.27 0.11 -23.70
N HIS A 182 -6.38 0.07 -24.44
CA HIS A 182 -7.69 0.32 -23.85
C HIS A 182 -8.20 -0.86 -23.04
N HIS A 183 -7.56 -2.02 -23.13
CA HIS A 183 -7.95 -3.17 -22.30
C HIS A 183 -7.30 -3.11 -20.92
N SER A 184 -6.06 -2.64 -20.83
CA SER A 184 -5.41 -2.53 -19.54
C SER A 184 -6.00 -1.43 -18.68
N ARG A 185 -6.47 -0.34 -19.27
CA ARG A 185 -7.07 0.73 -18.48
C ARG A 185 -8.33 0.26 -17.79
N PHE A 186 -9.19 -0.48 -18.50
CA PHE A 186 -10.47 -0.96 -17.96
C PHE A 186 -10.30 -2.41 -17.49
N ASN A 187 -9.47 -2.58 -16.47
CA ASN A 187 -9.32 -3.87 -15.81
C ASN A 187 -8.77 -3.61 -14.41
N SER A 188 -9.70 -3.60 -13.43
CA SER A 188 -9.38 -3.29 -12.01
C SER A 188 -9.69 -4.50 -11.12
N ARG A 189 -9.53 -5.71 -11.63
CA ARG A 189 -9.82 -6.94 -10.90
C ARG A 189 -11.29 -7.11 -10.54
N THR A 190 -12.17 -6.23 -11.03
CA THR A 190 -13.60 -6.40 -10.91
C THR A 190 -14.23 -7.03 -12.13
N LYS A 191 -13.60 -6.88 -13.30
CA LYS A 191 -14.07 -7.57 -14.50
C LYS A 191 -13.99 -9.08 -14.32
N ALA A 192 -12.88 -9.56 -13.75
CA ALA A 192 -12.71 -11.00 -13.58
C ALA A 192 -13.79 -11.58 -12.68
N PHE A 193 -14.17 -10.84 -11.63
CA PHE A 193 -15.30 -11.27 -10.80
C PHE A 193 -16.62 -11.03 -11.51
N LEU A 194 -16.71 -10.01 -12.35
CA LEU A 194 -17.91 -9.82 -13.16
C LEU A 194 -17.98 -10.84 -14.30
N LYS A 195 -16.84 -11.38 -14.73
CA LYS A 195 -16.84 -12.41 -15.76
C LYS A 195 -17.25 -13.77 -15.20
N ILE A 196 -16.80 -14.12 -14.00
CA ILE A 196 -17.21 -15.37 -13.38
C ILE A 196 -18.72 -15.37 -13.14
N ILE A 197 -19.28 -14.19 -12.86
CA ILE A 197 -20.73 -14.10 -12.69
C ILE A 197 -21.44 -14.40 -14.00
N ALA A 198 -20.94 -13.85 -15.11
CA ALA A 198 -21.64 -13.98 -16.38
C ALA A 198 -21.61 -15.41 -16.90
N VAL A 199 -20.47 -16.10 -16.80
CA VAL A 199 -20.38 -17.46 -17.33
C VAL A 199 -21.03 -18.49 -16.43
N TRP A 200 -21.41 -18.13 -15.20
CA TRP A 200 -22.15 -19.01 -14.31
C TRP A 200 -23.62 -18.63 -14.19
N THR A 201 -24.01 -17.41 -14.58
CA THR A 201 -25.42 -17.07 -14.66
C THR A 201 -26.06 -17.72 -15.87
N ILE A 202 -25.35 -17.74 -17.01
CA ILE A 202 -25.91 -18.34 -18.21
C ILE A 202 -25.85 -19.87 -18.13
N SER A 203 -24.80 -20.38 -17.50
CA SER A 203 -24.68 -21.85 -17.34
C SER A 203 -25.85 -22.37 -16.47
N VAL A 204 -26.13 -21.68 -15.37
CA VAL A 204 -27.21 -22.08 -14.47
C VAL A 204 -28.59 -21.64 -14.96
N GLY A 205 -28.66 -20.66 -15.87
CA GLY A 205 -29.92 -20.26 -16.43
C GLY A 205 -30.41 -21.08 -17.60
N ILE A 206 -29.50 -21.75 -18.30
CA ILE A 206 -29.86 -22.59 -19.45
C ILE A 206 -30.25 -23.99 -19.01
N SER A 207 -29.67 -24.47 -17.92
CA SER A 207 -29.96 -25.80 -17.38
C SER A 207 -31.00 -25.77 -16.26
N MET A 208 -31.61 -24.62 -15.99
CA MET A 208 -32.70 -24.49 -15.02
C MET A 208 -34.02 -25.10 -15.47
N PRO A 209 -34.34 -25.19 -16.76
CA PRO A 209 -35.54 -25.94 -17.17
C PRO A 209 -35.50 -27.42 -16.83
N ILE A 210 -34.34 -28.01 -16.58
CA ILE A 210 -34.26 -29.47 -16.44
C ILE A 210 -34.96 -29.92 -15.16
N PRO A 211 -34.64 -29.42 -13.97
CA PRO A 211 -35.32 -29.91 -12.77
C PRO A 211 -36.58 -29.14 -12.36
N VAL A 212 -36.86 -27.99 -12.96
CA VAL A 212 -38.10 -27.25 -12.65
C VAL A 212 -39.26 -27.68 -13.54
N PHE A 213 -38.99 -28.16 -14.76
CA PHE A 213 -40.01 -28.71 -15.64
C PHE A 213 -39.35 -29.92 -16.32
N GLY A 214 -39.54 -31.09 -15.72
CA GLY A 214 -38.83 -32.28 -16.15
C GLY A 214 -38.49 -33.18 -14.98
N LEU A 215 -38.47 -32.61 -13.77
CA LEU A 215 -38.44 -33.41 -12.55
C LEU A 215 -39.82 -33.84 -12.12
N GLN A 216 -40.85 -33.05 -12.41
CA GLN A 216 -42.22 -33.47 -12.14
C GLN A 216 -42.67 -34.51 -13.14
N ASP A 217 -42.33 -34.33 -14.41
CA ASP A 217 -42.63 -35.29 -15.46
C ASP A 217 -41.49 -36.29 -15.56
N ASP A 218 -41.80 -37.57 -15.40
CA ASP A 218 -40.83 -38.64 -15.46
C ASP A 218 -40.65 -39.20 -16.86
N SER A 219 -41.03 -38.43 -17.90
CA SER A 219 -40.85 -38.87 -19.27
C SER A 219 -40.42 -37.76 -20.22
N LYS A 220 -40.31 -36.50 -19.77
CA LYS A 220 -39.96 -35.41 -20.66
C LYS A 220 -38.46 -35.22 -20.71
N VAL A 221 -37.85 -34.86 -19.58
CA VAL A 221 -36.41 -34.98 -19.39
C VAL A 221 -36.21 -36.18 -18.49
N PHE A 222 -36.14 -37.37 -19.08
CA PHE A 222 -36.18 -38.57 -18.26
C PHE A 222 -35.89 -39.83 -19.06
N LYS A 223 -36.09 -40.98 -18.42
CA LYS A 223 -35.62 -42.22 -18.99
C LYS A 223 -36.51 -42.69 -20.13
N GLU A 224 -35.86 -43.22 -21.17
CA GLU A 224 -36.48 -44.16 -22.11
C GLU A 224 -36.18 -45.59 -21.69
N GLY A 225 -36.03 -45.83 -20.40
CA GLY A 225 -35.36 -47.00 -19.88
C GLY A 225 -33.87 -46.84 -19.68
N SER A 226 -33.30 -45.66 -20.03
CA SER A 226 -31.85 -45.45 -20.03
C SER A 226 -31.43 -44.09 -19.47
N CYS A 227 -32.34 -43.27 -18.98
CA CYS A 227 -32.04 -41.94 -18.46
C CYS A 227 -31.38 -41.06 -19.51
N LEU A 228 -32.11 -40.76 -20.58
CA LEU A 228 -31.67 -39.85 -21.64
C LEU A 228 -32.41 -38.52 -21.48
N LEU A 229 -32.11 -37.59 -22.37
CA LEU A 229 -32.76 -36.28 -22.42
C LEU A 229 -33.74 -36.30 -23.59
N ALA A 230 -34.98 -36.68 -23.31
CA ALA A 230 -35.98 -36.95 -24.34
C ALA A 230 -36.80 -35.72 -24.75
N ASP A 231 -36.50 -34.55 -24.18
CA ASP A 231 -37.17 -33.33 -24.61
C ASP A 231 -36.64 -32.95 -25.99
N ASP A 232 -37.45 -33.13 -27.02
CA ASP A 232 -37.00 -32.95 -28.39
C ASP A 232 -36.98 -31.50 -28.84
N ASN A 233 -37.65 -30.59 -28.11
CA ASN A 233 -37.64 -29.17 -28.44
C ASN A 233 -36.69 -28.36 -27.58
N PHE A 234 -36.36 -28.83 -26.38
CA PHE A 234 -35.33 -28.20 -25.58
C PHE A 234 -33.93 -28.56 -26.06
N VAL A 235 -33.75 -29.77 -26.60
CA VAL A 235 -32.45 -30.16 -27.14
C VAL A 235 -32.10 -29.28 -28.33
N LEU A 236 -33.08 -29.01 -29.19
CA LEU A 236 -32.80 -28.23 -30.40
C LEU A 236 -32.39 -26.80 -30.06
N ILE A 237 -33.12 -26.15 -29.14
CA ILE A 237 -32.86 -24.76 -28.79
C ILE A 237 -31.96 -24.63 -27.56
N GLY A 238 -31.90 -25.63 -26.70
CA GLY A 238 -31.06 -25.58 -25.52
C GLY A 238 -29.62 -25.96 -25.81
N SER A 239 -29.40 -26.73 -26.88
CA SER A 239 -28.07 -27.00 -27.40
C SER A 239 -27.66 -26.03 -28.50
N PHE A 240 -28.57 -25.15 -28.93
CA PHE A 240 -28.23 -24.11 -29.88
C PHE A 240 -27.56 -22.92 -29.21
N VAL A 241 -28.12 -22.44 -28.10
CA VAL A 241 -27.52 -21.33 -27.36
C VAL A 241 -26.38 -21.77 -26.46
N SER A 242 -26.21 -23.07 -26.24
CA SER A 242 -25.16 -23.59 -25.37
C SER A 242 -23.89 -23.97 -26.10
N PHE A 243 -23.98 -24.36 -27.37
CA PHE A 243 -22.82 -24.69 -28.18
C PHE A 243 -22.68 -23.83 -29.43
N PHE A 244 -23.75 -23.72 -30.24
CA PHE A 244 -23.58 -23.12 -31.56
C PHE A 244 -23.44 -21.60 -31.49
N ILE A 245 -24.02 -20.95 -30.50
CA ILE A 245 -23.82 -19.51 -30.32
C ILE A 245 -22.43 -19.28 -29.72
N PRO A 246 -21.97 -20.05 -28.74
CA PRO A 246 -20.55 -19.99 -28.38
C PRO A 246 -19.61 -20.47 -29.47
N LEU A 247 -20.07 -21.19 -30.48
CA LEU A 247 -19.23 -21.59 -31.60
C LEU A 247 -19.14 -20.52 -32.68
N THR A 248 -20.26 -19.90 -33.06
CA THR A 248 -20.14 -18.79 -34.01
C THR A 248 -19.43 -17.59 -33.39
N ILE A 249 -19.50 -17.44 -32.07
CA ILE A 249 -18.73 -16.40 -31.39
C ILE A 249 -17.25 -16.73 -31.44
N MET A 250 -16.90 -18.02 -31.29
CA MET A 250 -15.50 -18.42 -31.30
C MET A 250 -14.92 -18.39 -32.71
N VAL A 251 -15.73 -18.67 -33.73
CA VAL A 251 -15.22 -18.62 -35.09
C VAL A 251 -14.83 -17.20 -35.48
N ILE A 252 -15.69 -16.22 -35.17
CA ILE A 252 -15.38 -14.84 -35.48
C ILE A 252 -14.25 -14.33 -34.60
N THR A 253 -14.26 -14.71 -33.33
CA THR A 253 -13.20 -14.30 -32.42
C THR A 253 -11.85 -14.87 -32.85
N TYR A 254 -11.83 -16.13 -33.27
CA TYR A 254 -10.57 -16.73 -33.72
C TYR A 254 -10.12 -16.15 -35.05
N PHE A 255 -11.05 -15.96 -35.99
CA PHE A 255 -10.69 -15.36 -37.28
C PHE A 255 -10.18 -13.93 -37.09
N LEU A 256 -10.83 -13.17 -36.21
CA LEU A 256 -10.40 -11.79 -35.98
C LEU A 256 -9.09 -11.72 -35.21
N THR A 257 -8.86 -12.61 -34.25
CA THR A 257 -7.62 -12.57 -33.47
C THR A 257 -6.42 -12.90 -34.35
N ILE A 258 -6.53 -13.93 -35.18
CA ILE A 258 -5.44 -14.28 -36.08
C ILE A 258 -5.25 -13.19 -37.12
N LYS A 259 -6.34 -12.56 -37.56
CA LYS A 259 -6.23 -11.45 -38.50
C LYS A 259 -5.46 -10.29 -37.87
N SER A 260 -5.68 -10.05 -36.58
CA SER A 260 -5.04 -8.93 -35.90
C SER A 260 -3.66 -9.26 -35.34
N LEU A 261 -3.28 -10.54 -35.29
CA LEU A 261 -1.93 -10.93 -34.90
C LEU A 261 -0.96 -10.99 -36.07
N GLN A 262 -1.43 -10.72 -37.29
CA GLN A 262 -0.57 -10.71 -38.47
C GLN A 262 -0.71 -9.39 -39.22
N ILE A 315 9.35 -11.23 -34.65
CA ILE A 315 7.94 -11.32 -34.34
C ILE A 315 7.54 -12.78 -34.12
N SER A 316 8.45 -13.54 -33.50
CA SER A 316 8.18 -14.98 -33.27
C SER A 316 7.13 -15.15 -32.16
N ASN A 317 7.15 -14.28 -31.14
CA ASN A 317 6.19 -14.43 -30.06
C ASN A 317 4.75 -14.30 -30.56
N GLU A 318 4.52 -13.44 -31.54
CA GLU A 318 3.21 -13.39 -32.17
C GLU A 318 2.91 -14.68 -32.92
N GLN A 319 3.93 -15.31 -33.50
CA GLN A 319 3.73 -16.59 -34.18
C GLN A 319 3.58 -17.74 -33.21
N LYS A 320 4.28 -17.70 -32.07
CA LYS A 320 4.06 -18.72 -31.05
C LYS A 320 2.65 -18.64 -30.48
N ALA A 321 2.14 -17.42 -30.27
CA ALA A 321 0.77 -17.27 -29.80
C ALA A 321 -0.24 -17.75 -30.83
N CYS A 322 0.02 -17.49 -32.11
CA CYS A 322 -0.89 -17.94 -33.17
C CYS A 322 -1.01 -19.47 -33.19
N LYS A 323 0.06 -20.17 -32.82
CA LYS A 323 0.01 -21.63 -32.76
C LYS A 323 -0.74 -22.12 -31.53
N VAL A 324 -0.70 -21.36 -30.43
CA VAL A 324 -1.46 -21.75 -29.24
C VAL A 324 -2.95 -21.59 -29.47
N LEU A 325 -3.35 -20.51 -30.14
CA LEU A 325 -4.76 -20.33 -30.45
C LEU A 325 -5.27 -21.44 -31.36
N GLY A 326 -4.48 -21.85 -32.34
CA GLY A 326 -4.91 -22.91 -33.24
C GLY A 326 -5.14 -24.23 -32.52
N ILE A 327 -4.23 -24.60 -31.62
CA ILE A 327 -4.39 -25.84 -30.88
C ILE A 327 -5.61 -25.76 -29.97
N VAL A 328 -5.79 -24.62 -29.30
CA VAL A 328 -6.92 -24.46 -28.40
C VAL A 328 -8.23 -24.49 -29.18
N PHE A 329 -8.31 -23.78 -30.30
CA PHE A 329 -9.53 -23.78 -31.09
C PHE A 329 -9.78 -25.13 -31.75
N PHE A 330 -8.73 -25.80 -32.23
CA PHE A 330 -8.93 -27.08 -32.88
C PHE A 330 -9.41 -28.14 -31.90
N LEU A 331 -8.90 -28.14 -30.67
CA LEU A 331 -9.28 -29.18 -29.72
C LEU A 331 -10.70 -28.99 -29.22
N PHE A 332 -11.14 -27.76 -29.00
CA PHE A 332 -12.51 -27.52 -28.58
C PHE A 332 -13.50 -27.98 -29.63
N VAL A 333 -13.21 -27.69 -30.90
CA VAL A 333 -14.11 -28.11 -31.97
C VAL A 333 -14.10 -29.63 -32.10
N VAL A 334 -12.92 -30.25 -32.14
CA VAL A 334 -12.85 -31.68 -32.43
C VAL A 334 -13.35 -32.55 -31.29
N MET A 335 -13.47 -32.02 -30.07
CA MET A 335 -13.87 -32.82 -28.92
C MET A 335 -15.29 -32.55 -28.44
N TRP A 336 -15.89 -31.43 -28.81
CA TRP A 336 -17.27 -31.12 -28.46
C TRP A 336 -18.21 -31.11 -29.65
N CYS A 337 -17.77 -30.62 -30.80
CA CYS A 337 -18.61 -30.60 -31.99
C CYS A 337 -19.11 -31.98 -32.41
N PRO A 338 -18.28 -33.05 -32.38
CA PRO A 338 -18.81 -34.36 -32.79
C PRO A 338 -20.02 -34.81 -32.00
N PHE A 339 -20.07 -34.54 -30.70
CA PHE A 339 -21.24 -34.92 -29.92
C PHE A 339 -22.46 -34.08 -30.31
N PHE A 340 -22.28 -32.79 -30.55
CA PHE A 340 -23.41 -31.90 -30.76
C PHE A 340 -24.04 -32.01 -32.14
N ILE A 341 -23.27 -32.40 -33.18
CA ILE A 341 -23.92 -32.68 -34.46
C ILE A 341 -24.72 -33.96 -34.38
N THR A 342 -24.18 -34.98 -33.69
CA THR A 342 -24.91 -36.23 -33.53
C THR A 342 -26.13 -36.05 -32.64
N ASN A 343 -26.02 -35.20 -31.62
CA ASN A 343 -27.14 -34.97 -30.70
C ASN A 343 -28.32 -34.36 -31.43
N ILE A 344 -28.08 -33.40 -32.33
CA ILE A 344 -29.15 -32.67 -32.99
C ILE A 344 -29.58 -33.30 -34.31
N MET A 345 -28.68 -33.96 -35.03
CA MET A 345 -29.09 -34.67 -36.25
C MET A 345 -30.01 -35.83 -35.93
N ALA A 346 -29.80 -36.50 -34.80
CA ALA A 346 -30.68 -37.61 -34.41
C ALA A 346 -32.09 -37.11 -34.18
N VAL A 347 -32.25 -35.92 -33.60
CA VAL A 347 -33.57 -35.36 -33.36
C VAL A 347 -33.47 -33.85 -33.18
N ASN A 354 -30.52 -45.83 -38.57
CA ASN A 354 -30.53 -46.94 -37.63
C ASN A 354 -30.26 -46.45 -36.21
N GLU A 355 -31.13 -46.82 -35.28
CA GLU A 355 -30.97 -46.38 -33.90
C GLU A 355 -29.72 -46.97 -33.25
N ASP A 356 -29.42 -48.24 -33.54
CA ASP A 356 -28.28 -48.89 -32.91
C ASP A 356 -26.96 -48.21 -33.28
N VAL A 357 -26.82 -47.78 -34.54
CA VAL A 357 -25.60 -47.09 -34.95
C VAL A 357 -25.50 -45.75 -34.26
N ILE A 358 -26.57 -44.97 -34.28
CA ILE A 358 -26.56 -43.66 -33.62
C ILE A 358 -26.45 -43.82 -32.11
N GLY A 359 -27.05 -44.86 -31.53
CA GLY A 359 -26.89 -45.11 -30.10
C GLY A 359 -25.45 -45.39 -29.72
N ALA A 360 -24.71 -46.09 -30.58
CA ALA A 360 -23.29 -46.30 -30.33
C ALA A 360 -22.48 -45.04 -30.58
N LEU A 361 -22.85 -44.24 -31.58
CA LEU A 361 -22.10 -43.02 -31.86
C LEU A 361 -22.23 -42.02 -30.71
N LEU A 362 -23.45 -41.82 -30.21
CA LEU A 362 -23.63 -40.89 -29.10
C LEU A 362 -22.97 -41.39 -27.81
N ASN A 363 -22.76 -42.70 -27.68
CA ASN A 363 -22.14 -43.22 -26.48
C ASN A 363 -20.67 -42.84 -26.43
N VAL A 364 -19.94 -43.04 -27.54
CA VAL A 364 -18.51 -42.73 -27.55
C VAL A 364 -18.29 -41.22 -27.57
N PHE A 365 -19.08 -40.48 -28.35
CA PHE A 365 -18.87 -39.05 -28.46
C PHE A 365 -19.11 -38.33 -27.15
N VAL A 366 -19.95 -38.88 -26.27
CA VAL A 366 -20.15 -38.27 -24.95
C VAL A 366 -18.84 -38.30 -24.17
N TRP A 367 -18.14 -39.44 -24.20
CA TRP A 367 -16.89 -39.54 -23.47
C TRP A 367 -15.76 -38.77 -24.12
N ILE A 368 -15.86 -38.47 -25.41
CA ILE A 368 -14.90 -37.56 -26.04
C ILE A 368 -15.12 -36.14 -25.52
N GLY A 369 -16.38 -35.77 -25.31
CA GLY A 369 -16.66 -34.47 -24.70
C GLY A 369 -16.16 -34.38 -23.28
N TYR A 370 -16.34 -35.47 -22.51
CA TYR A 370 -15.83 -35.49 -21.11
C TYR A 370 -14.31 -35.39 -21.12
N LEU A 371 -13.66 -36.07 -22.07
CA LEU A 371 -12.20 -36.08 -22.12
C LEU A 371 -11.63 -34.68 -22.31
N SER A 372 -12.39 -33.76 -22.91
CA SER A 372 -11.94 -32.37 -23.02
C SER A 372 -11.85 -31.68 -21.67
N SER A 373 -12.53 -32.19 -20.64
CA SER A 373 -12.39 -31.64 -19.30
C SER A 373 -11.10 -32.08 -18.63
N ALA A 374 -10.46 -33.15 -19.12
CA ALA A 374 -9.13 -33.52 -18.68
C ALA A 374 -8.04 -32.74 -19.39
N VAL A 375 -8.32 -32.25 -20.60
CA VAL A 375 -7.31 -31.57 -21.40
C VAL A 375 -7.31 -30.07 -21.11
N ASN A 376 -8.46 -29.51 -20.73
CA ASN A 376 -8.59 -28.07 -20.55
C ASN A 376 -7.62 -27.53 -19.50
N PRO A 377 -7.40 -28.23 -18.39
CA PRO A 377 -6.31 -27.82 -17.48
C PRO A 377 -4.95 -27.69 -18.14
N LEU A 378 -4.64 -28.56 -19.09
CA LEU A 378 -3.29 -28.66 -19.63
C LEU A 378 -3.02 -27.62 -20.73
N VAL A 379 -3.87 -27.59 -21.76
CA VAL A 379 -3.59 -26.71 -22.89
C VAL A 379 -3.73 -25.24 -22.54
N TYR A 380 -4.53 -24.91 -21.51
CA TYR A 380 -4.71 -23.52 -21.12
C TYR A 380 -3.69 -23.05 -20.07
N THR A 381 -2.96 -23.96 -19.45
CA THR A 381 -2.00 -23.62 -18.40
C THR A 381 -0.58 -24.05 -18.70
N LEU A 382 -0.37 -25.27 -19.19
CA LEU A 382 0.95 -25.86 -19.24
C LEU A 382 1.89 -25.20 -20.24
N PHE A 383 1.39 -24.33 -21.11
CA PHE A 383 2.29 -23.57 -21.97
C PHE A 383 3.11 -22.54 -21.21
N ASN A 384 2.75 -22.29 -19.94
CA ASN A 384 3.48 -21.30 -19.11
C ASN A 384 4.66 -21.98 -18.41
N LYS A 385 5.86 -21.38 -18.47
CA LYS A 385 7.01 -21.96 -17.79
C LYS A 385 6.73 -22.16 -16.31
N THR A 386 6.01 -21.23 -15.69
CA THR A 386 5.75 -21.33 -14.25
C THR A 386 4.89 -22.55 -13.92
N TYR A 387 3.87 -22.82 -14.74
CA TYR A 387 2.99 -23.94 -14.46
C TYR A 387 3.72 -25.27 -14.59
N ARG A 388 4.62 -25.39 -15.57
CA ARG A 388 5.40 -26.61 -15.73
C ARG A 388 6.25 -26.88 -14.50
N SER A 389 6.90 -25.85 -13.97
CA SER A 389 7.65 -25.99 -12.73
C SER A 389 6.73 -26.33 -11.56
N ALA A 390 5.57 -25.67 -11.50
CA ALA A 390 4.65 -25.90 -10.39
C ALA A 390 4.14 -27.34 -10.36
N PHE A 391 3.84 -27.92 -11.52
CA PHE A 391 3.38 -29.30 -11.57
C PHE A 391 4.48 -30.25 -11.09
N SER A 392 5.73 -30.01 -11.49
CA SER A 392 6.81 -30.89 -11.10
C SER A 392 7.01 -30.89 -9.58
N ARG A 393 6.95 -29.71 -8.96
CA ARG A 393 7.12 -29.59 -7.52
C ARG A 393 5.84 -30.02 -6.80
N THR B 4 -19.78 -4.64 21.93
CA THR B 4 -18.38 -5.03 21.91
C THR B 4 -17.50 -4.00 21.19
N VAL B 5 -18.11 -3.19 20.33
CA VAL B 5 -17.48 -2.01 19.75
C VAL B 5 -18.30 -0.80 20.18
N SER B 6 -17.65 0.17 20.80
CA SER B 6 -18.34 1.35 21.27
C SER B 6 -18.85 2.16 20.07
N ALA B 7 -19.71 3.13 20.37
CA ALA B 7 -20.23 4.00 19.31
C ALA B 7 -19.10 4.79 18.65
N GLU B 8 -18.16 5.24 19.46
CA GLU B 8 -17.01 6.03 18.92
C GLU B 8 -16.15 5.12 18.02
N ASP B 9 -15.92 3.87 18.45
CA ASP B 9 -15.13 2.96 17.63
C ASP B 9 -15.86 2.60 16.34
N LYS B 10 -17.19 2.50 16.40
CA LYS B 10 -17.98 2.29 15.19
C LYS B 10 -17.84 3.45 14.23
N ALA B 11 -17.89 4.69 14.75
CA ALA B 11 -17.71 5.86 13.91
C ALA B 11 -16.30 5.90 13.32
N ALA B 12 -15.30 5.47 14.10
CA ALA B 12 -13.94 5.37 13.59
C ALA B 12 -13.86 4.36 12.45
N ALA B 13 -14.57 3.24 12.58
CA ALA B 13 -14.59 2.25 11.51
C ALA B 13 -15.24 2.82 10.25
N GLU B 14 -16.32 3.58 10.40
CA GLU B 14 -16.95 4.23 9.24
C GLU B 14 -15.98 5.21 8.59
N ARG B 15 -15.24 5.98 9.39
CA ARG B 15 -14.25 6.89 8.85
C ARG B 15 -13.19 6.14 8.06
N SER B 16 -12.71 5.02 8.60
CA SER B 16 -11.70 4.22 7.91
C SER B 16 -12.23 3.67 6.59
N LYS B 17 -13.50 3.25 6.58
CA LYS B 17 -14.07 2.73 5.34
C LYS B 17 -14.21 3.81 4.28
N MET B 18 -14.61 5.03 4.70
CA MET B 18 -14.66 6.14 3.75
C MET B 18 -13.26 6.45 3.20
N ILE B 19 -12.25 6.41 4.07
CA ILE B 19 -10.88 6.64 3.61
C ILE B 19 -10.48 5.57 2.61
N ASP B 20 -10.81 4.31 2.89
CA ASP B 20 -10.53 3.21 1.96
C ASP B 20 -11.18 3.46 0.60
N LYS B 21 -12.42 3.93 0.61
CA LYS B 21 -13.13 4.23 -0.63
C LYS B 21 -12.39 5.30 -1.43
N ASN B 22 -11.97 6.38 -0.76
CA ASN B 22 -11.29 7.46 -1.49
C ASN B 22 -9.92 7.01 -2.02
N LEU B 23 -9.19 6.20 -1.24
CA LEU B 23 -7.92 5.67 -1.74
C LEU B 23 -8.13 4.78 -2.95
N ARG B 24 -9.20 3.97 -2.96
CA ARG B 24 -9.48 3.12 -4.11
C ARG B 24 -9.80 3.97 -5.33
N GLU B 25 -10.58 5.05 -5.16
CA GLU B 25 -10.87 5.92 -6.29
C GLU B 25 -9.59 6.57 -6.83
N ASP B 26 -8.70 6.99 -5.93
CA ASP B 26 -7.45 7.60 -6.38
C ASP B 26 -6.58 6.60 -7.14
N GLY B 27 -6.53 5.34 -6.67
CA GLY B 27 -5.79 4.33 -7.42
C GLY B 27 -6.40 4.06 -8.78
N GLU B 28 -7.73 4.06 -8.86
CA GLU B 28 -8.40 3.91 -10.15
C GLU B 28 -8.01 5.04 -11.10
N LYS B 29 -7.89 6.27 -10.58
CA LYS B 29 -7.36 7.35 -11.40
C LYS B 29 -5.92 7.05 -11.82
N ALA B 30 -5.11 6.53 -10.90
CA ALA B 30 -3.69 6.35 -11.16
C ALA B 30 -3.44 5.31 -12.26
N ARG B 31 -4.29 4.28 -12.34
CA ARG B 31 -4.05 3.22 -13.33
C ARG B 31 -4.19 3.75 -14.76
N ARG B 32 -4.99 4.79 -14.97
CA ARG B 32 -5.21 5.30 -16.32
C ARG B 32 -3.92 5.83 -16.93
N THR B 33 -3.10 6.49 -16.13
CA THR B 33 -1.87 7.09 -16.65
C THR B 33 -0.80 6.02 -16.90
N LEU B 34 0.01 6.25 -17.93
CA LEU B 34 1.20 5.47 -18.23
C LEU B 34 2.41 6.33 -17.92
N ARG B 35 3.38 5.76 -17.20
CA ARG B 35 4.45 6.51 -16.58
C ARG B 35 5.78 6.17 -17.25
N LEU B 36 6.56 7.19 -17.56
CA LEU B 36 7.80 7.06 -18.34
C LEU B 36 8.93 7.79 -17.63
N LEU B 37 10.15 7.30 -17.83
CA LEU B 37 11.37 7.88 -17.26
C LEU B 37 12.31 8.28 -18.39
N LEU B 38 12.79 9.52 -18.36
CA LEU B 38 13.69 10.07 -19.36
C LEU B 38 15.10 10.12 -18.79
N LEU B 39 16.07 9.59 -19.54
CA LEU B 39 17.48 9.60 -19.14
C LEU B 39 18.34 10.00 -20.32
N GLY B 40 19.10 11.09 -20.17
CA GLY B 40 20.13 11.46 -21.11
C GLY B 40 21.26 12.16 -20.37
N ALA B 41 22.50 11.77 -20.64
CA ALA B 41 23.62 12.27 -19.85
C ALA B 41 23.80 13.77 -20.01
N ASP B 42 24.20 14.20 -21.20
CA ASP B 42 24.33 15.61 -21.56
C ASP B 42 24.70 15.66 -23.03
N ASN B 43 24.32 16.75 -23.70
CA ASN B 43 24.39 16.93 -25.14
C ASN B 43 23.31 16.07 -25.82
N SER B 44 22.39 15.45 -25.07
CA SER B 44 21.41 14.57 -25.67
C SER B 44 20.30 15.35 -26.36
N GLY B 45 19.97 16.54 -25.85
CA GLY B 45 18.75 17.20 -26.26
C GLY B 45 17.53 16.44 -25.78
N LYS B 46 17.63 15.81 -24.62
CA LYS B 46 16.57 14.94 -24.13
C LYS B 46 15.31 15.75 -23.78
N SER B 47 15.47 17.00 -23.34
CA SER B 47 14.31 17.81 -22.98
C SER B 47 13.43 18.10 -24.20
N THR B 48 14.05 18.24 -25.38
CA THR B 48 13.35 18.61 -26.59
C THR B 48 12.94 17.42 -27.45
N ILE B 49 12.93 16.21 -26.89
CA ILE B 49 12.52 15.04 -27.68
C ILE B 49 11.04 15.13 -28.03
N VAL B 50 10.20 15.41 -27.04
CA VAL B 50 8.75 15.51 -27.24
C VAL B 50 8.41 16.99 -27.37
N LYS B 51 8.13 17.41 -28.60
CA LYS B 51 8.01 18.84 -28.90
C LYS B 51 6.74 19.44 -28.32
N GLN B 52 5.64 18.68 -28.31
CA GLN B 52 4.32 19.28 -28.17
C GLN B 52 4.10 19.93 -26.81
N MET B 53 4.46 19.23 -25.73
CA MET B 53 4.00 19.56 -24.39
C MET B 53 5.18 19.85 -23.47
N ARG B 54 5.31 21.11 -23.06
CA ARG B 54 6.23 21.51 -21.99
C ARG B 54 5.90 22.93 -21.55
N THR B 66 10.45 23.10 -8.80
CA THR B 66 10.53 21.65 -8.99
C THR B 66 11.95 21.26 -9.40
N SER B 67 12.91 21.54 -8.52
CA SER B 67 14.30 21.24 -8.83
C SER B 67 14.57 19.74 -8.78
N GLY B 68 13.96 19.04 -7.81
CA GLY B 68 14.26 17.64 -7.63
C GLY B 68 13.83 16.77 -8.80
N ILE B 69 12.65 17.04 -9.36
CA ILE B 69 12.08 16.25 -10.44
C ILE B 69 11.39 17.20 -11.41
N PHE B 70 11.61 16.95 -12.70
CA PHE B 70 10.97 17.67 -13.79
C PHE B 70 9.98 16.74 -14.47
N GLU B 71 8.74 17.21 -14.63
CA GLU B 71 7.62 16.39 -15.08
C GLU B 71 6.90 17.08 -16.23
N THR B 72 6.53 16.31 -17.25
CA THR B 72 5.73 16.78 -18.37
C THR B 72 4.63 15.78 -18.66
N LYS B 73 3.50 16.28 -19.15
CA LYS B 73 2.34 15.47 -19.50
C LYS B 73 2.04 15.68 -20.98
N PHE B 74 1.90 14.58 -21.73
CA PHE B 74 1.52 14.65 -23.14
C PHE B 74 0.54 13.55 -23.46
N GLN B 75 -0.36 13.83 -24.40
CA GLN B 75 -1.44 12.93 -24.80
C GLN B 75 -1.40 12.72 -26.30
N VAL B 76 -1.48 11.45 -26.72
CA VAL B 76 -1.69 11.08 -28.11
C VAL B 76 -2.72 9.96 -28.16
N ASP B 77 -3.74 10.13 -28.99
CA ASP B 77 -4.81 9.14 -29.17
C ASP B 77 -5.53 8.85 -27.84
N LYS B 78 -5.73 9.90 -27.04
CA LYS B 78 -6.48 9.81 -25.79
C LYS B 78 -5.83 8.86 -24.79
N VAL B 79 -4.50 8.82 -24.78
CA VAL B 79 -3.71 8.10 -23.78
C VAL B 79 -2.74 9.09 -23.17
N ASN B 80 -2.76 9.20 -21.84
CA ASN B 80 -1.97 10.19 -21.12
C ASN B 80 -0.66 9.58 -20.67
N PHE B 81 0.45 10.29 -20.91
CA PHE B 81 1.79 9.85 -20.60
C PHE B 81 2.48 10.84 -19.67
N HIS B 82 3.18 10.33 -18.67
CA HIS B 82 3.99 11.13 -17.74
C HIS B 82 5.47 10.79 -17.96
N MET B 83 6.29 11.82 -18.13
CA MET B 83 7.71 11.68 -18.38
C MET B 83 8.49 12.34 -17.25
N PHE B 84 9.43 11.61 -16.65
CA PHE B 84 10.14 12.02 -15.45
C PHE B 84 11.64 12.18 -15.73
N ASP B 85 12.17 13.34 -15.36
CA ASP B 85 13.60 13.63 -15.38
C ASP B 85 14.04 14.11 -14.00
N VAL B 86 15.07 13.48 -13.46
CA VAL B 86 15.53 13.75 -12.09
C VAL B 86 16.80 14.58 -12.26
N GLY B 87 16.71 15.88 -11.95
CA GLY B 87 17.71 16.80 -12.46
C GLY B 87 19.03 16.80 -11.71
N GLY B 88 18.98 16.94 -10.39
CA GLY B 88 20.15 17.41 -9.65
C GLY B 88 21.23 16.36 -9.44
N GLN B 89 20.92 15.09 -9.69
CA GLN B 89 21.72 13.99 -9.16
C GLN B 89 23.04 13.82 -9.91
N ARG B 90 23.99 13.14 -9.26
CA ARG B 90 25.32 12.92 -9.78
C ARG B 90 25.37 11.65 -10.65
N ASP B 91 26.60 11.17 -10.92
CA ASP B 91 26.78 10.05 -11.84
C ASP B 91 26.11 8.78 -11.34
N GLU B 92 26.28 8.44 -10.07
CA GLU B 92 25.70 7.21 -9.52
C GLU B 92 24.22 7.46 -9.25
N ARG B 93 23.36 6.79 -10.02
CA ARG B 93 21.91 6.92 -9.92
C ARG B 93 21.25 5.71 -9.26
N ARG B 94 22.05 4.82 -8.67
CA ARG B 94 21.54 3.50 -8.29
C ARG B 94 20.46 3.59 -7.21
N LYS B 95 20.51 4.62 -6.36
CA LYS B 95 19.57 4.73 -5.24
C LYS B 95 18.24 5.32 -5.67
N TRP B 96 18.25 6.34 -6.52
CA TRP B 96 17.00 6.94 -6.97
C TRP B 96 16.37 6.15 -8.10
N ILE B 97 17.17 5.37 -8.84
CA ILE B 97 16.61 4.57 -9.93
C ILE B 97 15.79 3.40 -9.39
N GLN B 98 15.96 3.05 -8.10
CA GLN B 98 15.14 1.99 -7.52
C GLN B 98 13.66 2.38 -7.50
N CYS B 99 13.37 3.67 -7.41
CA CYS B 99 11.98 4.13 -7.38
C CYS B 99 11.28 3.81 -8.69
N PHE B 100 11.95 4.02 -9.82
CA PHE B 100 11.35 3.89 -11.15
C PHE B 100 11.57 2.48 -11.70
N ASN B 101 10.87 1.53 -11.08
CA ASN B 101 10.82 0.14 -11.56
C ASN B 101 9.44 -0.30 -12.00
N ASP B 102 8.40 0.52 -11.78
CA ASP B 102 7.05 0.25 -12.26
C ASP B 102 6.67 1.07 -13.48
N VAL B 103 7.60 1.87 -14.02
CA VAL B 103 7.29 2.68 -15.21
C VAL B 103 7.03 1.75 -16.39
N THR B 104 6.21 2.22 -17.33
CA THR B 104 5.94 1.44 -18.52
C THR B 104 7.21 1.26 -19.37
N ALA B 105 7.98 2.34 -19.53
CA ALA B 105 9.16 2.31 -20.37
C ALA B 105 10.13 3.38 -19.91
N ILE B 106 11.39 3.19 -20.28
CA ILE B 106 12.46 4.17 -20.09
C ILE B 106 12.76 4.76 -21.45
N ILE B 107 12.95 6.07 -21.49
CA ILE B 107 13.32 6.79 -22.71
C ILE B 107 14.77 7.20 -22.55
N PHE B 108 15.65 6.61 -23.35
CA PHE B 108 17.09 6.85 -23.29
C PHE B 108 17.50 7.61 -24.54
N VAL B 109 18.09 8.79 -24.34
CA VAL B 109 18.43 9.70 -25.43
C VAL B 109 19.95 9.79 -25.54
N VAL B 110 20.46 9.60 -26.75
CA VAL B 110 21.89 9.63 -27.02
C VAL B 110 22.14 10.55 -28.20
N ASP B 111 23.27 11.25 -28.16
CA ASP B 111 23.71 12.11 -29.25
C ASP B 111 24.60 11.28 -30.18
N SER B 112 24.04 10.86 -31.31
CA SER B 112 24.81 10.07 -32.27
C SER B 112 25.86 10.91 -32.98
N SER B 113 25.68 12.24 -32.99
CA SER B 113 26.62 13.11 -33.69
C SER B 113 28.01 13.05 -33.07
N ASP B 114 28.10 13.04 -31.75
CA ASP B 114 29.37 13.15 -31.04
C ASP B 114 29.90 11.75 -30.77
N TYR B 115 31.13 11.49 -31.24
CA TYR B 115 31.70 10.15 -31.13
C TYR B 115 32.48 9.98 -29.82
N ASN B 116 33.07 11.06 -29.31
CA ASN B 116 33.70 11.00 -28.00
C ASN B 116 32.68 10.68 -26.91
N ARG B 117 31.47 11.20 -27.07
CA ARG B 117 30.40 10.89 -26.11
C ARG B 117 29.89 9.46 -26.28
N LEU B 118 30.08 8.85 -27.45
CA LEU B 118 29.34 7.65 -27.80
C LEU B 118 29.71 6.46 -26.92
N GLN B 119 30.99 6.27 -26.61
CA GLN B 119 31.37 5.15 -25.76
C GLN B 119 30.82 5.31 -24.35
N GLU B 120 30.86 6.54 -23.82
CA GLU B 120 30.26 6.79 -22.51
C GLU B 120 28.76 6.56 -22.55
N ALA B 121 28.11 6.94 -23.66
CA ALA B 121 26.68 6.69 -23.80
C ALA B 121 26.39 5.20 -23.83
N LEU B 122 27.24 4.42 -24.50
CA LEU B 122 27.06 2.98 -24.53
C LEU B 122 27.23 2.37 -23.13
N ASN B 123 28.22 2.88 -22.38
CA ASN B 123 28.41 2.40 -21.01
C ASN B 123 27.20 2.74 -20.15
N ASP B 124 26.66 3.95 -20.31
CA ASP B 124 25.49 4.34 -19.53
C ASP B 124 24.27 3.53 -19.93
N PHE B 125 24.12 3.22 -21.22
CA PHE B 125 23.03 2.37 -21.66
C PHE B 125 23.15 0.97 -21.07
N LYS B 126 24.38 0.46 -20.99
CA LYS B 126 24.60 -0.83 -20.34
C LYS B 126 24.23 -0.75 -18.86
N SER B 127 24.57 0.36 -18.20
CA SER B 127 24.22 0.54 -16.79
C SER B 127 22.71 0.54 -16.59
N ILE B 128 21.98 1.25 -17.46
CA ILE B 128 20.52 1.23 -17.40
C ILE B 128 20.00 -0.18 -17.66
N TRP B 129 20.57 -0.87 -18.65
CA TRP B 129 20.03 -2.14 -19.09
C TRP B 129 20.18 -3.22 -18.03
N ASN B 130 21.34 -3.25 -17.35
CA ASN B 130 21.68 -4.34 -16.44
C ASN B 130 21.32 -4.06 -14.99
N ASN B 131 20.64 -2.96 -14.68
CA ASN B 131 20.25 -2.69 -13.31
C ASN B 131 19.25 -3.74 -12.84
N ARG B 132 19.36 -4.14 -11.57
CA ARG B 132 18.53 -5.22 -11.05
C ARG B 132 17.06 -4.83 -11.03
N TRP B 133 16.77 -3.60 -10.61
CA TRP B 133 15.38 -3.17 -10.48
C TRP B 133 14.76 -2.89 -11.83
N LEU B 134 15.56 -2.46 -12.81
CA LEU B 134 15.12 -2.17 -14.16
C LEU B 134 15.17 -3.40 -15.07
N ARG B 135 15.13 -4.60 -14.50
CA ARG B 135 15.28 -5.81 -15.31
C ARG B 135 14.09 -6.03 -16.23
N THR B 136 12.88 -5.72 -15.76
CA THR B 136 11.65 -5.97 -16.51
C THR B 136 11.19 -4.80 -17.36
N ILE B 137 11.94 -3.70 -17.40
CA ILE B 137 11.48 -2.46 -18.03
C ILE B 137 12.15 -2.33 -19.39
N SER B 138 11.34 -2.18 -20.43
CA SER B 138 11.86 -1.94 -21.77
C SER B 138 12.34 -0.51 -21.91
N VAL B 139 13.30 -0.31 -22.81
CA VAL B 139 13.91 0.99 -23.08
C VAL B 139 13.52 1.42 -24.49
N ILE B 140 13.07 2.66 -24.64
CA ILE B 140 12.85 3.26 -25.95
C ILE B 140 14.03 4.18 -26.21
N LEU B 141 14.92 3.76 -27.12
CA LEU B 141 16.19 4.44 -27.33
C LEU B 141 16.05 5.38 -28.52
N PHE B 142 16.25 6.68 -28.28
CA PHE B 142 16.24 7.70 -29.31
C PHE B 142 17.68 8.12 -29.58
N LEU B 143 18.15 7.83 -30.80
CA LEU B 143 19.43 8.37 -31.25
C LEU B 143 19.19 9.73 -31.89
N ASN B 144 19.92 10.74 -31.40
CA ASN B 144 19.54 12.13 -31.56
C ASN B 144 20.52 12.88 -32.45
N LYS B 145 20.06 14.02 -32.96
CA LYS B 145 20.85 14.93 -33.80
C LYS B 145 21.39 14.21 -35.03
N GLN B 146 20.50 13.46 -35.70
CA GLN B 146 20.89 12.76 -36.91
C GLN B 146 21.26 13.74 -38.01
N ASP B 147 20.68 14.94 -38.00
CA ASP B 147 21.10 15.96 -38.98
C ASP B 147 22.55 16.36 -38.74
N LEU B 148 22.94 16.55 -37.48
CA LEU B 148 24.33 16.86 -37.16
C LEU B 148 25.25 15.74 -37.60
N LEU B 149 24.85 14.49 -37.35
CA LEU B 149 25.65 13.35 -37.79
C LEU B 149 25.76 13.32 -39.32
N ALA B 150 24.66 13.60 -40.01
CA ALA B 150 24.65 13.51 -41.47
C ALA B 150 25.56 14.56 -42.08
N GLU B 151 25.50 15.80 -41.60
CA GLU B 151 26.39 16.82 -42.13
C GLU B 151 27.84 16.50 -41.80
N LYS B 152 28.10 15.94 -40.61
CA LYS B 152 29.47 15.60 -40.25
C LYS B 152 30.03 14.49 -41.15
N VAL B 153 29.23 13.45 -41.43
CA VAL B 153 29.73 12.37 -42.28
C VAL B 153 29.87 12.86 -43.73
N LEU B 154 28.95 13.69 -44.19
CA LEU B 154 29.08 14.23 -45.55
C LEU B 154 30.32 15.09 -45.68
N ALA B 155 30.64 15.89 -44.65
CA ALA B 155 31.88 16.62 -44.65
C ALA B 155 33.09 15.69 -44.65
N GLY B 156 33.03 14.62 -43.84
CA GLY B 156 34.09 13.64 -43.80
C GLY B 156 35.33 14.05 -43.03
N LYS B 157 35.31 15.19 -42.33
CA LYS B 157 36.47 15.61 -41.57
C LYS B 157 36.79 14.63 -40.44
N SER B 158 35.75 14.18 -39.73
CA SER B 158 35.89 13.19 -38.67
C SER B 158 35.62 11.79 -39.20
N LYS B 159 36.14 10.80 -38.49
CA LYS B 159 35.99 9.39 -38.84
C LYS B 159 35.50 8.61 -37.63
N ILE B 160 34.38 7.91 -37.79
CA ILE B 160 33.96 6.92 -36.80
C ILE B 160 34.97 5.79 -36.73
N GLU B 161 35.65 5.52 -37.85
CA GLU B 161 36.68 4.48 -37.89
C GLU B 161 37.77 4.74 -36.87
N ASP B 162 38.13 6.01 -36.65
CA ASP B 162 39.16 6.33 -35.68
C ASP B 162 38.74 5.96 -34.26
N TYR B 163 37.52 6.38 -33.87
CA TYR B 163 37.07 6.12 -32.50
C TYR B 163 36.64 4.68 -32.32
N PHE B 164 35.98 4.10 -33.33
CA PHE B 164 35.54 2.71 -33.34
C PHE B 164 36.29 1.96 -34.44
N PRO B 165 37.11 0.94 -34.11
CA PRO B 165 37.76 0.19 -35.21
C PRO B 165 36.78 -0.54 -36.12
N GLU B 166 35.62 -0.92 -35.61
CA GLU B 166 34.72 -1.80 -36.38
C GLU B 166 34.11 -1.08 -37.56
N PHE B 167 33.91 0.24 -37.48
CA PHE B 167 33.32 0.96 -38.59
C PHE B 167 34.24 0.95 -39.82
N ALA B 168 35.55 0.92 -39.59
CA ALA B 168 36.51 0.97 -40.70
C ALA B 168 36.31 -0.21 -41.65
N ARG B 169 35.90 -1.36 -41.11
CA ARG B 169 35.48 -2.51 -41.90
C ARG B 169 34.08 -2.92 -41.45
N TYR B 170 33.07 -2.42 -42.16
CA TYR B 170 31.69 -2.69 -41.83
C TYR B 170 30.86 -2.70 -43.11
N THR B 171 29.86 -3.57 -43.15
CA THR B 171 29.04 -3.79 -44.33
C THR B 171 27.70 -3.10 -44.14
N THR B 172 27.35 -2.23 -45.08
CA THR B 172 26.07 -1.53 -45.01
C THR B 172 24.93 -2.52 -45.19
N PRO B 173 23.86 -2.44 -44.37
CA PRO B 173 22.81 -3.45 -44.51
C PRO B 173 21.80 -3.10 -45.59
N GLU B 182 19.31 9.32 -49.29
CA GLU B 182 20.24 9.00 -48.22
C GLU B 182 21.60 8.58 -48.76
N ASP B 183 22.66 9.14 -48.19
CA ASP B 183 24.00 8.74 -48.60
C ASP B 183 24.30 7.34 -48.06
N PRO B 184 25.00 6.48 -48.82
CA PRO B 184 25.27 5.15 -48.29
C PRO B 184 26.22 5.17 -47.10
N ARG B 185 27.18 6.09 -47.09
CA ARG B 185 28.04 6.25 -45.92
C ARG B 185 27.24 6.66 -44.69
N VAL B 186 26.25 7.55 -44.89
CA VAL B 186 25.39 7.97 -43.78
C VAL B 186 24.59 6.78 -43.25
N THR B 187 24.02 5.98 -44.14
CA THR B 187 23.28 4.80 -43.70
C THR B 187 24.19 3.82 -42.98
N ARG B 188 25.40 3.62 -43.49
CA ARG B 188 26.35 2.72 -42.84
C ARG B 188 26.70 3.20 -41.44
N ALA B 189 27.02 4.48 -41.29
CA ALA B 189 27.40 5.02 -39.98
C ALA B 189 26.24 4.94 -39.00
N LYS B 190 25.03 5.32 -39.44
CA LYS B 190 23.90 5.30 -38.53
C LYS B 190 23.54 3.88 -38.13
N TYR B 191 23.63 2.93 -39.05
CA TYR B 191 23.32 1.55 -38.70
C TYR B 191 24.36 0.96 -37.76
N PHE B 192 25.63 1.34 -37.91
CA PHE B 192 26.64 0.91 -36.95
C PHE B 192 26.37 1.48 -35.56
N ILE B 193 26.04 2.78 -35.49
CA ILE B 193 25.77 3.43 -34.21
C ILE B 193 24.59 2.76 -33.54
N ARG B 194 23.53 2.46 -34.30
CA ARG B 194 22.41 1.71 -33.75
C ARG B 194 22.84 0.32 -33.29
N LYS B 195 23.66 -0.35 -34.12
CA LYS B 195 23.95 -1.76 -33.90
C LYS B 195 24.70 -1.99 -32.60
N GLU B 196 25.55 -1.04 -32.21
CA GLU B 196 26.23 -1.19 -30.91
C GLU B 196 25.23 -1.22 -29.75
N PHE B 197 24.28 -0.29 -29.74
CA PHE B 197 23.29 -0.25 -28.67
C PHE B 197 22.39 -1.47 -28.69
N VAL B 198 21.93 -1.86 -29.88
CA VAL B 198 21.09 -3.05 -29.97
C VAL B 198 21.89 -4.31 -29.63
N ASP B 199 23.21 -4.29 -29.81
CA ASP B 199 24.02 -5.42 -29.39
C ASP B 199 24.06 -5.54 -27.88
N ILE B 200 24.25 -4.40 -27.18
CA ILE B 200 24.20 -4.43 -25.72
C ILE B 200 22.82 -4.88 -25.25
N SER B 201 21.77 -4.45 -25.93
CA SER B 201 20.42 -4.88 -25.56
C SER B 201 20.22 -6.37 -25.83
N THR B 202 20.78 -6.87 -26.93
CA THR B 202 20.49 -8.23 -27.39
C THR B 202 21.29 -9.27 -26.59
N ALA B 203 22.44 -8.86 -26.01
CA ALA B 203 23.32 -9.81 -25.34
C ALA B 203 22.62 -10.56 -24.20
N SER B 204 21.64 -9.92 -23.55
CA SER B 204 20.89 -10.63 -22.52
C SER B 204 20.02 -11.73 -23.13
N GLY B 205 19.15 -11.37 -24.06
CA GLY B 205 18.36 -12.34 -24.81
C GLY B 205 17.20 -12.95 -24.05
N ASP B 206 16.91 -12.48 -22.84
CA ASP B 206 15.83 -13.07 -22.05
C ASP B 206 14.47 -12.83 -22.69
N GLY B 207 14.28 -11.65 -23.29
CA GLY B 207 13.02 -11.29 -23.90
C GLY B 207 12.00 -10.67 -22.95
N ARG B 208 12.30 -10.59 -21.66
CA ARG B 208 11.41 -9.89 -20.74
C ARG B 208 11.35 -8.40 -21.06
N HIS B 209 12.49 -7.87 -21.50
CA HIS B 209 12.58 -6.43 -21.86
C HIS B 209 13.38 -6.30 -23.16
N ILE B 210 12.94 -5.42 -24.06
CA ILE B 210 13.56 -5.24 -25.36
C ILE B 210 13.73 -3.75 -25.62
N CYS B 211 14.66 -3.43 -26.51
CA CYS B 211 15.03 -2.06 -26.83
C CYS B 211 14.41 -1.67 -28.18
N TYR B 212 13.76 -0.50 -28.21
CA TYR B 212 13.13 0.01 -29.41
C TYR B 212 13.97 1.14 -29.98
N PRO B 213 14.87 0.89 -30.96
CA PRO B 213 15.76 1.97 -31.41
C PRO B 213 15.13 2.87 -32.46
N HIS B 214 15.31 4.19 -32.30
CA HIS B 214 14.77 5.18 -33.21
C HIS B 214 15.83 6.24 -33.51
N PHE B 215 15.67 6.89 -34.66
CA PHE B 215 16.50 8.02 -35.07
C PHE B 215 15.66 9.28 -35.12
N THR B 216 16.17 10.35 -34.51
CA THR B 216 15.41 11.57 -34.26
C THR B 216 16.21 12.77 -34.71
N CYS B 217 15.59 13.63 -35.52
CA CYS B 217 16.19 14.91 -35.83
C CYS B 217 16.06 15.85 -34.62
N ALA B 218 16.73 16.99 -34.70
CA ALA B 218 16.64 17.97 -33.62
C ALA B 218 15.21 18.48 -33.47
N VAL B 219 14.50 18.63 -34.59
CA VAL B 219 13.08 18.97 -34.59
C VAL B 219 12.35 17.92 -35.41
N ASP B 220 11.47 17.17 -34.73
CA ASP B 220 10.66 16.11 -35.40
C ASP B 220 9.23 16.22 -34.85
N THR B 221 8.24 16.31 -35.74
CA THR B 221 6.85 16.50 -35.32
C THR B 221 6.36 15.33 -34.48
N GLU B 222 6.71 14.10 -34.87
CA GLU B 222 6.23 12.88 -34.19
C GLU B 222 7.39 12.19 -33.48
N ASN B 223 7.47 12.39 -32.17
CA ASN B 223 8.15 11.49 -31.26
C ASN B 223 7.20 10.89 -30.23
N ALA B 224 6.12 11.58 -29.89
CA ALA B 224 5.10 11.01 -29.01
C ALA B 224 4.41 9.84 -29.68
N ARG B 225 4.22 9.90 -31.00
CA ARG B 225 3.63 8.77 -31.72
C ARG B 225 4.51 7.53 -31.61
N ARG B 226 5.82 7.72 -31.76
CA ARG B 226 6.74 6.58 -31.63
C ARG B 226 6.74 6.05 -30.21
N ILE B 227 6.75 6.94 -29.22
CA ILE B 227 6.69 6.51 -27.83
C ILE B 227 5.42 5.72 -27.58
N PHE B 228 4.30 6.19 -28.12
CA PHE B 228 3.03 5.52 -27.94
C PHE B 228 3.02 4.13 -28.58
N ASN B 229 3.58 3.99 -29.78
CA ASN B 229 3.48 2.69 -30.44
C ASN B 229 4.42 1.68 -29.78
N ASP B 230 5.59 2.12 -29.30
CA ASP B 230 6.42 1.19 -28.51
C ASP B 230 5.77 0.86 -27.16
N CYS B 231 5.05 1.81 -26.56
CA CYS B 231 4.32 1.50 -25.34
C CYS B 231 3.20 0.50 -25.60
N LYS B 232 2.52 0.62 -26.74
CA LYS B 232 1.51 -0.36 -27.11
C LYS B 232 2.13 -1.73 -27.33
N ASP B 233 3.32 -1.77 -27.96
CA ASP B 233 4.01 -3.03 -28.13
C ASP B 233 4.39 -3.63 -26.77
N ILE B 234 4.87 -2.80 -25.85
CA ILE B 234 5.26 -3.28 -24.53
C ILE B 234 4.06 -3.87 -23.81
N ILE B 235 2.92 -3.15 -23.86
CA ILE B 235 1.72 -3.61 -23.17
C ILE B 235 1.20 -4.88 -23.83
N LEU B 236 1.28 -4.96 -25.15
CA LEU B 236 0.85 -6.15 -25.86
C LEU B 236 1.68 -7.36 -25.42
N GLN B 237 3.00 -7.20 -25.33
CA GLN B 237 3.84 -8.32 -24.92
C GLN B 237 3.58 -8.75 -23.48
N MET B 238 3.39 -7.78 -22.57
CA MET B 238 3.10 -8.19 -21.19
C MET B 238 1.76 -8.91 -21.14
N ASN B 239 0.79 -8.46 -21.95
CA ASN B 239 -0.51 -9.13 -22.00
C ASN B 239 -0.39 -10.54 -22.57
N LEU B 240 0.44 -10.74 -23.60
CA LEU B 240 0.63 -12.08 -24.13
C LEU B 240 1.28 -13.00 -23.11
N ARG B 241 2.24 -12.49 -22.34
CA ARG B 241 2.81 -13.31 -21.27
C ARG B 241 1.77 -13.59 -20.18
N GLU B 242 0.94 -12.59 -19.87
CA GLU B 242 -0.07 -12.76 -18.81
C GLU B 242 -1.10 -13.80 -19.18
N TYR B 243 -1.56 -13.79 -20.43
CA TYR B 243 -2.62 -14.72 -20.86
C TYR B 243 -2.08 -16.12 -21.14
N ASN B 244 -0.76 -16.33 -21.01
CA ASN B 244 -0.10 -17.61 -21.27
C ASN B 244 -0.13 -17.97 -22.76
N LEU B 245 -0.44 -17.00 -23.63
CA LEU B 245 -0.43 -17.28 -25.06
C LEU B 245 0.97 -17.55 -25.57
N VAL B 246 1.90 -16.65 -25.25
CA VAL B 246 3.31 -16.79 -25.64
C VAL B 246 4.18 -16.30 -24.49
N GLU C 28 50.73 13.21 6.50
CA GLU C 28 50.05 13.47 7.76
C GLU C 28 48.74 12.70 7.84
N ALA C 29 48.02 12.64 6.71
CA ALA C 29 46.76 11.91 6.68
C ALA C 29 46.98 10.41 6.90
N GLU C 30 48.01 9.85 6.27
CA GLU C 30 48.27 8.41 6.42
C GLU C 30 48.79 8.08 7.82
N GLN C 31 49.66 8.94 8.37
CA GLN C 31 50.26 8.64 9.67
C GLN C 31 49.21 8.62 10.77
N LEU C 32 48.29 9.59 10.77
CA LEU C 32 47.25 9.61 11.80
C LEU C 32 46.25 8.49 11.59
N LYS C 33 45.98 8.14 10.33
CA LYS C 33 45.08 7.02 10.06
C LYS C 33 45.65 5.71 10.58
N ASN C 34 46.95 5.49 10.39
CA ASN C 34 47.60 4.31 10.96
C ASN C 34 47.61 4.38 12.48
N GLN C 35 47.77 5.60 13.04
CA GLN C 35 47.74 5.75 14.48
C GLN C 35 46.37 5.39 15.04
N ILE C 36 45.30 5.78 14.33
CA ILE C 36 43.95 5.39 14.75
C ILE C 36 43.78 3.89 14.66
N ARG C 37 44.36 3.27 13.62
CA ARG C 37 44.32 1.83 13.51
C ARG C 37 45.03 1.15 14.68
N ASP C 38 46.17 1.71 15.08
CA ASP C 38 46.88 1.17 16.24
C ASP C 38 46.07 1.37 17.52
N ALA C 39 45.42 2.53 17.66
CA ALA C 39 44.66 2.81 18.88
C ALA C 39 43.50 1.85 19.06
N ARG C 40 42.73 1.61 17.99
CA ARG C 40 41.63 0.66 18.09
C ARG C 40 42.15 -0.77 18.25
N LYS C 41 43.26 -1.08 17.58
CA LYS C 41 43.83 -2.42 17.70
C LYS C 41 44.44 -2.67 19.07
N ALA C 42 44.95 -1.62 19.72
CA ALA C 42 45.48 -1.78 21.07
C ALA C 42 44.37 -2.17 22.05
N CYS C 43 43.16 -1.64 21.84
CA CYS C 43 42.06 -1.93 22.75
C CYS C 43 41.55 -3.36 22.60
N ALA C 44 41.74 -3.97 21.42
CA ALA C 44 41.09 -5.25 21.09
C ALA C 44 41.79 -6.38 21.84
N ASP C 45 41.54 -6.44 23.15
CA ASP C 45 42.03 -7.55 23.95
C ASP C 45 41.21 -8.82 23.72
N ALA C 46 39.90 -8.68 23.53
CA ALA C 46 39.00 -9.82 23.38
C ALA C 46 37.94 -9.50 22.34
N THR C 47 37.37 -10.55 21.78
CA THR C 47 36.20 -10.43 20.91
C THR C 47 34.92 -10.45 21.75
N LEU C 48 33.84 -9.92 21.18
CA LEU C 48 32.54 -10.08 21.83
C LEU C 48 32.13 -11.55 21.84
N SER C 49 32.55 -12.31 20.83
CA SER C 49 32.23 -13.74 20.79
C SER C 49 32.83 -14.48 21.97
N GLN C 50 34.04 -14.09 22.39
CA GLN C 50 34.66 -14.75 23.54
C GLN C 50 33.90 -14.45 24.82
N ILE C 51 33.52 -13.18 25.04
CA ILE C 51 32.84 -12.79 26.27
C ILE C 51 31.45 -13.39 26.31
N THR C 52 30.75 -13.40 25.17
CA THR C 52 29.37 -13.87 25.13
C THR C 52 29.26 -15.39 25.10
N ASN C 53 30.40 -16.10 25.01
CA ASN C 53 30.39 -17.51 24.66
C ASN C 53 29.64 -18.37 25.69
N ASN C 54 29.78 -18.04 26.98
CA ASN C 54 29.16 -18.83 28.05
C ASN C 54 27.91 -18.11 28.54
N ILE C 55 26.91 -18.05 27.66
CA ILE C 55 25.60 -17.49 27.96
C ILE C 55 24.57 -18.42 27.34
N ASP C 56 23.42 -18.54 28.00
CA ASP C 56 22.36 -19.36 27.45
C ASP C 56 21.78 -18.69 26.20
N PRO C 57 21.55 -19.44 25.11
CA PRO C 57 21.01 -18.80 23.91
C PRO C 57 19.55 -18.40 24.10
N VAL C 58 19.12 -17.42 23.30
CA VAL C 58 17.72 -17.00 23.33
C VAL C 58 16.81 -18.12 22.85
N GLY C 59 17.31 -18.98 21.96
CA GLY C 59 16.53 -20.05 21.40
C GLY C 59 15.74 -19.60 20.20
N ARG C 60 15.00 -20.53 19.62
CA ARG C 60 14.18 -20.20 18.47
C ARG C 60 13.06 -19.27 18.91
N ILE C 61 12.93 -18.14 18.20
CA ILE C 61 11.89 -17.15 18.45
C ILE C 61 10.92 -17.19 17.29
N GLN C 62 9.64 -17.38 17.62
CA GLN C 62 8.57 -17.52 16.64
C GLN C 62 7.61 -16.36 16.79
N MET C 63 7.42 -15.61 15.71
CA MET C 63 6.50 -14.49 15.66
C MET C 63 5.64 -14.64 14.42
N ARG C 64 4.35 -14.31 14.57
CA ARG C 64 3.36 -14.47 13.52
C ARG C 64 2.66 -13.14 13.27
N THR C 65 2.26 -12.93 12.02
CA THR C 65 1.66 -11.66 11.62
C THR C 65 0.30 -11.53 12.31
N ARG C 66 0.30 -10.88 13.47
CA ARG C 66 -0.94 -10.71 14.22
C ARG C 66 -1.93 -9.83 13.47
N ARG C 67 -1.43 -8.83 12.75
CA ARG C 67 -2.27 -7.95 11.93
C ARG C 67 -1.55 -7.58 10.65
N THR C 68 -2.31 -7.56 9.55
CA THR C 68 -1.86 -7.09 8.26
C THR C 68 -2.68 -5.87 7.90
N LEU C 69 -2.00 -4.74 7.66
CA LEU C 69 -2.66 -3.46 7.41
C LEU C 69 -2.60 -3.20 5.91
N ARG C 70 -3.76 -3.04 5.30
CA ARG C 70 -3.91 -2.97 3.86
C ARG C 70 -4.75 -1.75 3.49
N GLY C 71 -4.55 -1.28 2.27
CA GLY C 71 -5.08 -0.01 1.80
C GLY C 71 -4.08 0.85 1.07
N HIS C 72 -2.80 0.48 1.06
CA HIS C 72 -1.80 1.10 0.22
C HIS C 72 -1.80 0.37 -1.11
N LEU C 73 -2.05 1.10 -2.19
CA LEU C 73 -2.17 0.52 -3.52
C LEU C 73 -0.85 0.51 -4.30
N ALA C 74 0.26 0.89 -3.67
CA ALA C 74 1.57 0.86 -4.31
C ALA C 74 2.62 0.50 -3.28
N LYS C 75 3.87 0.51 -3.70
CA LYS C 75 4.96 0.01 -2.86
C LYS C 75 5.20 0.94 -1.67
N ILE C 76 5.29 0.31 -0.49
CA ILE C 76 5.55 1.09 0.75
C ILE C 76 7.06 1.26 0.87
N TYR C 77 7.51 2.47 1.20
CA TYR C 77 8.94 2.75 1.33
C TYR C 77 9.36 2.95 2.79
N ALA C 78 8.54 3.63 3.59
CA ALA C 78 8.94 4.01 4.94
C ALA C 78 7.75 3.94 5.88
N MET C 79 8.05 3.64 7.15
CA MET C 79 7.09 3.67 8.24
C MET C 79 7.78 4.15 9.49
N HIS C 80 7.02 4.70 10.44
CA HIS C 80 7.53 5.05 11.75
C HIS C 80 6.44 4.84 12.79
N TRP C 81 6.83 4.30 13.94
CA TRP C 81 5.91 4.12 15.06
C TRP C 81 5.70 5.44 15.80
N GLY C 82 4.51 5.60 16.36
CA GLY C 82 4.28 6.66 17.32
C GLY C 82 4.79 6.29 18.71
N THR C 83 5.06 7.32 19.52
CA THR C 83 5.51 7.07 20.88
C THR C 83 4.42 6.43 21.73
N ASP C 84 3.15 6.72 21.41
CA ASP C 84 2.04 6.13 22.16
C ASP C 84 1.96 4.61 21.97
N SER C 85 2.62 4.08 20.94
CA SER C 85 2.79 2.65 20.64
C SER C 85 1.57 2.04 19.95
N ARG C 86 0.49 2.79 19.76
CA ARG C 86 -0.70 2.34 19.05
C ARG C 86 -0.81 2.88 17.63
N LEU C 87 -0.09 3.95 17.32
CA LEU C 87 -0.24 4.70 16.07
C LEU C 87 1.05 4.63 15.29
N LEU C 88 0.95 4.41 13.98
CA LEU C 88 2.07 4.44 13.06
C LEU C 88 1.69 5.19 11.81
N VAL C 89 2.70 5.68 11.10
CA VAL C 89 2.56 6.37 9.83
C VAL C 89 3.31 5.55 8.80
N SER C 90 2.82 5.56 7.55
CA SER C 90 3.47 4.86 6.44
C SER C 90 3.45 5.74 5.20
N ALA C 91 4.47 5.58 4.35
CA ALA C 91 4.64 6.32 3.11
C ALA C 91 4.74 5.34 1.96
N SER C 92 4.22 5.73 0.80
CA SER C 92 4.12 4.85 -0.35
C SER C 92 4.25 5.63 -1.65
N GLN C 93 4.41 4.87 -2.74
CA GLN C 93 4.63 5.50 -4.07
C GLN C 93 3.30 6.03 -4.64
N ASP C 94 2.16 5.47 -4.22
CA ASP C 94 0.90 6.02 -4.71
C ASP C 94 0.71 7.48 -4.33
N GLY C 95 1.56 8.03 -3.47
CA GLY C 95 1.56 9.44 -3.19
C GLY C 95 0.73 9.86 -2.00
N LYS C 96 0.51 8.96 -1.05
CA LYS C 96 -0.35 9.22 0.10
C LYS C 96 0.31 8.69 1.36
N LEU C 97 0.23 9.49 2.43
CA LEU C 97 0.72 9.13 3.75
C LEU C 97 -0.49 8.80 4.62
N ILE C 98 -0.52 7.58 5.14
CA ILE C 98 -1.67 7.05 5.87
C ILE C 98 -1.22 6.74 7.29
N ILE C 99 -2.03 7.16 8.26
CA ILE C 99 -1.79 6.90 9.68
C ILE C 99 -2.82 5.88 10.15
N TRP C 100 -2.35 4.81 10.79
CA TRP C 100 -3.17 3.68 11.18
C TRP C 100 -3.24 3.57 12.69
N ASP C 101 -4.42 3.22 13.18
CA ASP C 101 -4.58 2.72 14.55
C ASP C 101 -4.27 1.23 14.49
N SER C 102 -3.15 0.82 15.07
CA SER C 102 -2.67 -0.55 14.88
C SER C 102 -3.62 -1.57 15.51
N TYR C 103 -4.16 -1.26 16.68
CA TYR C 103 -4.94 -2.26 17.41
C TYR C 103 -6.23 -2.60 16.65
N THR C 104 -6.91 -1.59 16.11
CA THR C 104 -8.18 -1.76 15.41
C THR C 104 -8.06 -1.72 13.89
N THR C 105 -6.83 -1.69 13.34
CA THR C 105 -6.57 -1.71 11.89
C THR C 105 -7.33 -0.61 11.14
N ASN C 106 -7.50 0.55 11.79
CA ASN C 106 -8.30 1.65 11.26
C ASN C 106 -7.40 2.80 10.85
N LYS C 107 -7.72 3.42 9.72
CA LYS C 107 -6.94 4.54 9.20
C LYS C 107 -7.41 5.84 9.87
N VAL C 108 -6.54 6.42 10.68
CA VAL C 108 -6.87 7.68 11.35
C VAL C 108 -6.89 8.82 10.35
N HIS C 109 -5.89 8.87 9.47
CA HIS C 109 -5.77 9.91 8.45
C HIS C 109 -5.18 9.32 7.20
N ALA C 110 -5.51 9.92 6.06
CA ALA C 110 -4.84 9.68 4.79
C ALA C 110 -4.53 11.03 4.17
N ILE C 111 -3.26 11.30 3.92
CA ILE C 111 -2.75 12.63 3.62
C ILE C 111 -2.31 12.66 2.16
N PRO C 112 -2.92 13.49 1.30
CA PRO C 112 -2.40 13.59 -0.07
C PRO C 112 -1.08 14.34 -0.12
N LEU C 113 -0.18 13.87 -0.97
CA LEU C 113 1.18 14.38 -1.08
C LEU C 113 1.39 14.97 -2.47
N ARG C 114 2.10 16.10 -2.52
CA ARG C 114 2.34 16.77 -3.81
C ARG C 114 3.23 15.92 -4.71
N SER C 115 4.22 15.24 -4.13
CA SER C 115 5.16 14.41 -4.87
C SER C 115 4.90 12.94 -4.53
N SER C 116 4.67 12.13 -5.57
CA SER C 116 4.48 10.70 -5.38
C SER C 116 5.75 10.02 -4.88
N TRP C 117 6.90 10.63 -5.12
CA TRP C 117 8.21 10.03 -4.81
C TRP C 117 8.59 10.41 -3.39
N VAL C 118 8.48 9.46 -2.47
CA VAL C 118 8.80 9.66 -1.06
C VAL C 118 9.62 8.46 -0.58
N MET C 119 10.72 8.74 0.11
CA MET C 119 11.63 7.72 0.63
C MET C 119 11.75 7.73 2.14
N THR C 120 11.06 8.62 2.85
CA THR C 120 11.14 8.69 4.30
C THR C 120 9.85 9.22 4.88
N CYS C 121 9.58 8.84 6.12
CA CYS C 121 8.50 9.39 6.91
C CYS C 121 8.87 9.30 8.38
N ALA C 122 8.34 10.22 9.18
CA ALA C 122 8.62 10.27 10.61
C ALA C 122 7.37 10.70 11.36
N TYR C 123 7.34 10.31 12.65
CA TYR C 123 6.20 10.68 13.54
C TYR C 123 6.80 11.43 14.72
N ALA C 124 6.27 12.61 15.04
CA ALA C 124 6.80 13.44 16.10
C ALA C 124 6.69 12.70 17.44
N PRO C 125 7.61 12.95 18.40
CA PRO C 125 7.46 12.30 19.71
C PRO C 125 6.17 12.68 20.42
N SER C 126 5.69 13.91 20.19
CA SER C 126 4.43 14.38 20.83
C SER C 126 3.21 13.90 20.03
N GLY C 127 3.43 13.35 18.83
CA GLY C 127 2.34 12.89 17.99
C GLY C 127 1.55 13.99 17.31
N ASN C 128 1.94 15.26 17.48
CA ASN C 128 1.23 16.35 16.84
C ASN C 128 1.53 16.42 15.34
N TYR C 129 2.75 16.04 14.94
CA TYR C 129 3.23 16.24 13.58
C TYR C 129 3.77 14.93 12.99
N VAL C 130 3.77 14.89 11.67
CA VAL C 130 4.49 13.89 10.89
C VAL C 130 5.26 14.63 9.80
N ALA C 131 6.31 14.00 9.30
CA ALA C 131 7.19 14.58 8.29
C ALA C 131 7.32 13.61 7.11
N CYS C 132 7.57 14.16 5.93
CA CYS C 132 7.76 13.39 4.71
C CYS C 132 8.88 14.00 3.87
N GLY C 133 9.68 13.12 3.26
CA GLY C 133 10.74 13.56 2.37
C GLY C 133 10.85 12.63 1.19
N GLY C 134 11.48 13.12 0.13
CA GLY C 134 11.53 12.36 -1.11
C GLY C 134 12.48 12.96 -2.12
N LEU C 135 12.31 12.52 -3.37
CA LEU C 135 13.15 13.00 -4.46
C LEU C 135 12.94 14.48 -4.76
N ASP C 136 11.85 15.09 -4.27
CA ASP C 136 11.66 16.53 -4.45
C ASP C 136 12.64 17.36 -3.62
N ASN C 137 13.40 16.72 -2.72
CA ASN C 137 14.47 17.35 -1.93
C ASN C 137 13.92 18.26 -0.83
N ILE C 138 12.62 18.16 -0.53
CA ILE C 138 11.95 19.02 0.44
C ILE C 138 11.37 18.15 1.54
N CYS C 139 11.55 18.58 2.78
CA CYS C 139 10.92 17.95 3.93
C CYS C 139 9.64 18.69 4.26
N SER C 140 8.51 18.02 4.11
CA SER C 140 7.19 18.60 4.34
C SER C 140 6.68 18.11 5.68
N ILE C 141 6.26 19.05 6.54
CA ILE C 141 5.81 18.76 7.89
C ILE C 141 4.32 19.08 7.95
N TYR C 142 3.56 18.17 8.54
CA TYR C 142 2.10 18.21 8.55
C TYR C 142 1.61 18.36 9.98
N ASN C 143 0.63 19.24 10.19
CA ASN C 143 0.00 19.43 11.48
C ASN C 143 -1.22 18.53 11.57
N LEU C 144 -1.11 17.45 12.34
CA LEU C 144 -2.20 16.48 12.40
C LEU C 144 -3.38 16.99 13.20
N LYS C 145 -3.12 17.60 14.36
CA LYS C 145 -4.15 18.10 15.26
C LYS C 145 -4.35 19.58 14.98
N THR C 146 -5.50 19.91 14.37
CA THR C 146 -5.84 21.28 14.04
C THR C 146 -7.32 21.50 14.27
N ARG C 147 -7.68 22.72 14.68
CA ARG C 147 -9.02 23.20 14.42
C ARG C 147 -9.21 23.29 12.93
N GLU C 148 -10.45 23.07 12.49
CA GLU C 148 -10.93 22.87 11.11
C GLU C 148 -10.74 21.42 10.66
N GLY C 149 -10.15 20.56 11.47
CA GLY C 149 -10.25 19.12 11.29
C GLY C 149 -9.70 18.55 10.01
N ASN C 150 -8.57 19.08 9.53
CA ASN C 150 -7.86 18.51 8.40
C ASN C 150 -6.36 18.55 8.66
N VAL C 151 -5.61 17.74 7.93
CA VAL C 151 -4.15 17.71 8.01
C VAL C 151 -3.61 18.67 6.97
N ARG C 152 -2.85 19.67 7.42
CA ARG C 152 -2.32 20.73 6.57
C ARG C 152 -0.82 20.84 6.77
N VAL C 153 -0.16 21.43 5.77
CA VAL C 153 1.30 21.53 5.75
C VAL C 153 1.70 22.66 6.69
N SER C 154 2.36 22.31 7.80
CA SER C 154 2.90 23.32 8.69
C SER C 154 4.09 24.03 8.06
N ARG C 155 4.97 23.27 7.40
CA ARG C 155 6.19 23.81 6.82
C ARG C 155 6.63 22.94 5.66
N GLU C 156 7.28 23.57 4.68
CA GLU C 156 8.06 22.88 3.66
C GLU C 156 9.48 23.40 3.74
N LEU C 157 10.41 22.52 4.08
CA LEU C 157 11.78 22.89 4.42
C LEU C 157 12.67 22.67 3.21
N ALA C 158 13.27 23.76 2.72
CA ALA C 158 14.10 23.75 1.53
C ALA C 158 15.52 24.17 1.92
N GLY C 159 16.47 23.73 1.10
CA GLY C 159 17.89 23.93 1.36
C GLY C 159 18.77 22.72 1.19
N HIS C 160 18.21 21.59 0.73
CA HIS C 160 18.97 20.39 0.40
C HIS C 160 19.02 20.28 -1.12
N THR C 161 20.22 20.12 -1.66
CA THR C 161 20.41 19.96 -3.11
C THR C 161 20.29 18.52 -3.57
N GLY C 162 19.90 17.60 -2.67
CA GLY C 162 19.70 16.22 -3.06
C GLY C 162 18.49 15.64 -2.35
N TYR C 163 18.10 14.45 -2.79
CA TYR C 163 16.93 13.77 -2.24
C TYR C 163 17.12 13.46 -0.77
N LEU C 164 16.03 13.55 0.00
CA LEU C 164 16.05 13.30 1.44
C LEU C 164 15.79 11.81 1.68
N SER C 165 16.79 11.13 2.24
CA SER C 165 16.66 9.69 2.48
C SER C 165 16.10 9.38 3.87
N CYS C 166 16.31 10.30 4.81
CA CYS C 166 15.86 10.05 6.21
C CYS C 166 15.59 11.35 6.97
N CYS C 167 14.51 11.39 7.75
CA CYS C 167 14.15 12.54 8.59
C CYS C 167 13.74 12.02 9.96
N ARG C 168 14.16 12.73 11.02
CA ARG C 168 13.85 12.32 12.39
C ARG C 168 13.68 13.57 13.26
N PHE C 169 12.72 13.50 14.18
CA PHE C 169 12.32 14.63 15.01
C PHE C 169 13.09 14.63 16.32
N LEU C 170 13.73 15.76 16.64
CA LEU C 170 14.19 15.99 18.01
C LEU C 170 13.03 16.37 18.92
N ASP C 171 12.35 17.48 18.58
CA ASP C 171 11.20 17.97 19.31
C ASP C 171 10.13 18.29 18.28
N ASP C 172 9.12 19.05 18.70
CA ASP C 172 8.10 19.51 17.73
C ASP C 172 8.67 20.71 16.96
N ASN C 173 9.76 21.30 17.47
CA ASN C 173 10.37 22.43 16.76
C ASN C 173 11.53 21.98 15.87
N GLN C 174 12.28 20.94 16.28
CA GLN C 174 13.54 20.58 15.65
C GLN C 174 13.45 19.22 14.97
N ILE C 175 13.96 19.14 13.74
CA ILE C 175 13.98 17.93 12.94
C ILE C 175 15.35 17.81 12.26
N VAL C 176 15.90 16.61 12.25
CA VAL C 176 17.15 16.30 11.55
C VAL C 176 16.79 15.60 10.26
N THR C 177 17.55 15.88 9.20
CA THR C 177 17.38 15.21 7.92
C THR C 177 18.74 14.79 7.38
N SER C 178 18.72 13.71 6.60
CA SER C 178 19.87 13.23 5.85
C SER C 178 19.46 13.20 4.37
N SER C 179 20.42 13.48 3.50
CA SER C 179 20.12 13.72 2.09
C SER C 179 21.19 13.10 1.19
N GLY C 180 20.82 12.98 -0.09
CA GLY C 180 21.73 12.49 -1.11
C GLY C 180 22.76 13.49 -1.59
N ASP C 181 22.72 14.72 -1.06
CA ASP C 181 23.79 15.69 -1.33
C ASP C 181 24.99 15.50 -0.39
N THR C 182 25.04 14.38 0.34
CA THR C 182 26.17 13.99 1.18
C THR C 182 26.29 14.85 2.44
N THR C 183 25.24 15.58 2.79
CA THR C 183 25.19 16.40 4.01
C THR C 183 23.93 16.08 4.80
N CYS C 184 24.06 16.12 6.12
CA CYS C 184 22.95 16.06 7.07
C CYS C 184 22.78 17.43 7.69
N ALA C 185 21.55 17.78 8.05
CA ALA C 185 21.22 19.10 8.58
C ALA C 185 20.28 18.99 9.78
N LEU C 186 20.37 20.00 10.65
CA LEU C 186 19.40 20.25 11.70
C LEU C 186 18.60 21.49 11.35
N TRP C 187 17.28 21.41 11.47
CA TRP C 187 16.36 22.48 11.10
C TRP C 187 15.63 22.99 12.32
N ASP C 188 15.31 24.30 12.26
CA ASP C 188 14.40 24.93 13.25
C ASP C 188 13.13 25.09 12.43
N ILE C 189 12.07 24.34 12.72
CA ILE C 189 10.89 24.27 11.86
C ILE C 189 10.16 25.62 11.82
N GLU C 190 10.07 26.29 12.96
CA GLU C 190 9.38 27.58 13.01
C GLU C 190 10.10 28.60 12.14
N THR C 191 11.43 28.66 12.22
CA THR C 191 12.19 29.58 11.37
C THR C 191 12.22 29.08 9.94
N GLY C 192 12.30 27.77 9.74
CA GLY C 192 12.41 27.19 8.41
C GLY C 192 13.79 27.18 7.83
N GLN C 193 14.84 27.32 8.66
CA GLN C 193 16.22 27.41 8.21
C GLN C 193 17.05 26.37 8.94
N GLN C 194 18.20 26.04 8.37
CA GLN C 194 19.11 25.06 8.95
C GLN C 194 19.92 25.72 10.05
N THR C 195 19.71 25.29 11.29
CA THR C 195 20.51 25.80 12.40
C THR C 195 21.94 25.27 12.34
N THR C 196 22.10 24.00 11.95
CA THR C 196 23.42 23.36 11.87
C THR C 196 23.45 22.47 10.63
N THR C 197 24.64 22.36 10.04
CA THR C 197 24.88 21.50 8.88
C THR C 197 26.04 20.56 9.20
N PHE C 198 25.84 19.27 8.96
CA PHE C 198 26.82 18.22 9.21
C PHE C 198 27.35 17.76 7.86
N THR C 199 28.67 17.94 7.63
CA THR C 199 29.29 17.72 6.32
C THR C 199 30.64 17.00 6.50
N GLY C 200 30.57 15.67 6.54
CA GLY C 200 31.76 14.83 6.52
C GLY C 200 31.77 13.77 5.43
N HIS C 201 30.58 13.35 4.99
CA HIS C 201 30.48 12.20 4.11
C HIS C 201 30.94 12.52 2.70
N THR C 202 31.53 11.52 2.04
CA THR C 202 31.89 11.60 0.63
C THR C 202 30.88 10.95 -0.31
N GLY C 203 29.74 10.49 0.22
CA GLY C 203 28.73 9.88 -0.59
C GLY C 203 27.35 10.16 -0.03
N ASP C 204 26.34 9.67 -0.74
CA ASP C 204 24.96 9.88 -0.32
C ASP C 204 24.71 9.23 1.03
N VAL C 205 23.99 9.94 1.90
CA VAL C 205 23.72 9.49 3.26
C VAL C 205 22.34 8.82 3.24
N MET C 206 22.33 7.52 3.55
CA MET C 206 21.12 6.72 3.35
C MET C 206 20.23 6.72 4.58
N SER C 207 20.82 6.73 5.78
CA SER C 207 20.08 6.48 7.01
C SER C 207 20.61 7.36 8.13
N LEU C 208 19.79 7.46 9.18
CA LEU C 208 20.07 8.28 10.35
C LEU C 208 19.40 7.64 11.56
N SER C 209 20.02 7.76 12.72
CA SER C 209 19.45 7.28 13.98
C SER C 209 19.78 8.24 15.10
N LEU C 210 18.75 8.73 15.78
CA LEU C 210 18.95 9.58 16.95
C LEU C 210 19.22 8.71 18.17
N ALA C 211 20.08 9.21 19.06
CA ALA C 211 20.38 8.49 20.28
C ALA C 211 19.19 8.53 21.22
N PRO C 212 19.11 7.63 22.20
CA PRO C 212 18.06 7.77 23.22
C PRO C 212 18.12 9.08 23.97
N ASP C 213 19.32 9.52 24.37
CA ASP C 213 19.45 10.80 25.06
C ASP C 213 19.22 11.97 24.11
N THR C 214 19.33 11.74 22.80
CA THR C 214 19.04 12.66 21.67
C THR C 214 20.18 13.68 21.48
N ARG C 215 21.14 13.76 22.40
CA ARG C 215 22.19 14.77 22.29
C ARG C 215 23.14 14.50 21.12
N LEU C 216 23.15 13.27 20.60
CA LEU C 216 24.02 12.91 19.49
C LEU C 216 23.34 11.87 18.61
N PHE C 217 23.79 11.78 17.35
CA PHE C 217 23.17 10.90 16.36
C PHE C 217 24.23 10.38 15.39
N VAL C 218 23.85 9.32 14.67
CA VAL C 218 24.75 8.62 13.74
C VAL C 218 24.07 8.59 12.37
N SER C 219 24.87 8.52 11.32
CA SER C 219 24.39 8.41 9.95
C SER C 219 25.21 7.39 9.18
N GLY C 220 24.54 6.61 8.35
CA GLY C 220 25.17 5.65 7.45
C GLY C 220 25.03 6.15 6.02
N ALA C 221 26.05 5.87 5.20
CA ALA C 221 26.18 6.50 3.89
C ALA C 221 26.81 5.56 2.89
N CYS C 222 26.75 5.98 1.62
CA CYS C 222 27.23 5.17 0.50
C CYS C 222 28.74 5.11 0.40
N ASP C 223 29.47 5.96 1.13
CA ASP C 223 30.92 5.82 1.20
C ASP C 223 31.37 4.68 2.13
N ALA C 224 30.44 3.86 2.62
CA ALA C 224 30.77 2.66 3.39
C ALA C 224 31.32 3.00 4.76
N SER C 225 31.00 4.20 5.27
CA SER C 225 31.41 4.65 6.59
C SER C 225 30.21 5.17 7.35
N ALA C 226 30.26 5.03 8.68
CA ALA C 226 29.26 5.57 9.58
C ALA C 226 29.95 6.56 10.50
N LYS C 227 29.35 7.75 10.65
CA LYS C 227 29.91 8.85 11.42
C LYS C 227 29.01 9.16 12.60
N LEU C 228 29.61 9.40 13.76
CA LEU C 228 28.89 9.84 14.95
C LEU C 228 28.93 11.35 15.00
N TRP C 229 27.76 11.96 15.09
CA TRP C 229 27.58 13.40 14.99
C TRP C 229 27.08 13.93 16.32
N ASP C 230 27.76 14.94 16.85
CA ASP C 230 27.30 15.64 18.05
C ASP C 230 26.39 16.78 17.58
N VAL C 231 25.13 16.74 18.00
CA VAL C 231 24.11 17.54 17.33
C VAL C 231 24.31 19.03 17.61
N ARG C 232 24.85 19.37 18.80
CA ARG C 232 24.97 20.78 19.17
C ARG C 232 26.16 21.45 18.47
N GLU C 233 27.35 20.87 18.58
CA GLU C 233 28.52 21.50 17.96
C GLU C 233 28.48 21.42 16.45
N GLY C 234 28.03 20.28 15.92
CA GLY C 234 28.03 20.07 14.48
C GLY C 234 29.29 19.48 13.92
N MET C 235 29.94 18.58 14.65
CA MET C 235 31.21 17.99 14.29
C MET C 235 31.11 16.47 14.31
N CYS C 236 31.91 15.80 13.48
CA CYS C 236 31.98 14.35 13.46
C CYS C 236 32.93 13.90 14.55
N ARG C 237 32.37 13.33 15.63
CA ARG C 237 33.20 12.88 16.73
C ARG C 237 34.00 11.63 16.35
N GLN C 238 33.35 10.65 15.74
CA GLN C 238 33.96 9.36 15.40
C GLN C 238 33.41 8.90 14.07
N THR C 239 34.25 8.18 13.32
CA THR C 239 33.87 7.58 12.04
C THR C 239 34.27 6.11 12.05
N PHE C 240 33.34 5.27 11.60
CA PHE C 240 33.47 3.82 11.64
C PHE C 240 33.45 3.26 10.23
N THR C 241 34.40 2.38 9.93
CA THR C 241 34.53 1.78 8.60
C THR C 241 34.79 0.28 8.75
N GLY C 242 33.80 -0.53 8.39
CA GLY C 242 33.97 -1.97 8.31
C GLY C 242 33.24 -2.63 7.15
N HIS C 243 32.54 -1.84 6.33
CA HIS C 243 31.62 -2.37 5.32
C HIS C 243 32.28 -2.29 3.94
N GLU C 244 32.08 -3.34 3.15
CA GLU C 244 32.57 -3.31 1.77
C GLU C 244 31.76 -2.35 0.92
N SER C 245 30.44 -2.28 1.16
CA SER C 245 29.50 -1.56 0.30
C SER C 245 28.73 -0.54 1.12
N ASP C 246 27.79 0.12 0.43
CA ASP C 246 26.95 1.15 1.05
C ASP C 246 26.19 0.62 2.26
N ILE C 247 25.95 1.51 3.22
CA ILE C 247 25.23 1.21 4.45
C ILE C 247 23.82 1.76 4.28
N ASN C 248 22.84 0.87 4.06
CA ASN C 248 21.48 1.30 3.81
C ASN C 248 20.78 1.75 5.10
N ALA C 249 21.01 1.04 6.21
CA ALA C 249 20.23 1.18 7.43
C ALA C 249 21.14 1.27 8.64
N ILE C 250 20.69 2.00 9.66
CA ILE C 250 21.44 2.22 10.89
C ILE C 250 20.44 2.29 12.05
N CYS C 251 20.80 1.71 13.19
CA CYS C 251 19.99 1.79 14.39
C CYS C 251 20.88 1.81 15.63
N PHE C 252 20.42 2.53 16.66
CA PHE C 252 21.10 2.64 17.93
C PHE C 252 20.74 1.48 18.85
N PHE C 253 21.73 0.95 19.53
CA PHE C 253 21.47 0.02 20.60
C PHE C 253 20.68 0.76 21.69
N PRO C 254 19.76 0.09 22.41
CA PRO C 254 18.90 0.83 23.36
C PRO C 254 19.64 1.59 24.45
N ASN C 255 20.81 1.09 24.86
CA ASN C 255 21.62 1.82 25.82
C ASN C 255 22.10 3.15 25.26
N GLY C 256 22.43 3.18 23.97
CA GLY C 256 22.97 4.35 23.31
C GLY C 256 24.48 4.38 23.17
N ASN C 257 25.18 3.35 23.67
CA ASN C 257 26.63 3.24 23.52
C ASN C 257 27.04 2.33 22.38
N ALA C 258 26.11 1.85 21.55
CA ALA C 258 26.43 1.05 20.39
C ALA C 258 25.34 1.23 19.35
N PHE C 259 25.66 0.89 18.10
CA PHE C 259 24.72 0.95 17.00
C PHE C 259 25.03 -0.17 16.02
N ALA C 260 24.02 -0.51 15.21
CA ALA C 260 24.10 -1.57 14.21
C ALA C 260 23.76 -1.00 12.85
N THR C 261 24.55 -1.36 11.84
CA THR C 261 24.41 -0.86 10.48
C THR C 261 24.07 -1.99 9.53
N GLY C 262 23.22 -1.69 8.55
CA GLY C 262 22.83 -2.64 7.52
C GLY C 262 23.26 -2.15 6.15
N SER C 263 23.62 -3.08 5.27
CA SER C 263 24.35 -2.77 4.06
C SER C 263 23.94 -3.71 2.93
N ASP C 264 24.30 -3.31 1.70
CA ASP C 264 24.23 -4.21 0.55
C ASP C 264 25.41 -5.16 0.47
N ASP C 265 26.34 -5.09 1.43
CA ASP C 265 27.31 -6.17 1.63
C ASP C 265 26.65 -7.46 2.09
N ALA C 266 25.40 -7.39 2.57
CA ALA C 266 24.63 -8.49 3.15
C ALA C 266 25.09 -8.83 4.57
N THR C 267 25.90 -7.97 5.17
CA THR C 267 26.37 -8.12 6.54
C THR C 267 25.77 -7.02 7.40
N CYS C 268 25.42 -7.36 8.63
CA CYS C 268 25.08 -6.40 9.66
C CYS C 268 26.19 -6.42 10.69
N ARG C 269 26.67 -5.24 11.07
CA ARG C 269 27.81 -5.09 11.96
C ARG C 269 27.43 -4.20 13.13
N LEU C 270 27.78 -4.64 14.33
CA LEU C 270 27.53 -3.89 15.55
C LEU C 270 28.79 -3.12 15.90
N PHE C 271 28.63 -1.81 16.10
CA PHE C 271 29.73 -0.89 16.37
C PHE C 271 29.55 -0.32 17.77
N ASP C 272 30.66 -0.17 18.50
CA ASP C 272 30.64 0.37 19.85
C ASP C 272 31.27 1.75 19.85
N LEU C 273 30.56 2.72 20.42
CA LEU C 273 31.03 4.11 20.40
C LEU C 273 32.28 4.28 21.23
N ARG C 274 32.28 3.77 22.46
CA ARG C 274 33.40 4.02 23.37
C ARG C 274 34.64 3.24 22.95
N ALA C 275 34.47 1.98 22.55
CA ALA C 275 35.62 1.21 22.06
C ALA C 275 36.07 1.68 20.68
N ASP C 276 35.17 2.29 19.92
CA ASP C 276 35.44 2.91 18.60
C ASP C 276 35.60 1.87 17.49
N GLN C 277 35.24 0.61 17.71
CA GLN C 277 35.50 -0.46 16.76
C GLN C 277 34.31 -1.41 16.70
N GLU C 278 34.32 -2.28 15.68
CA GLU C 278 33.26 -3.25 15.44
C GLU C 278 33.42 -4.38 16.44
N LEU C 279 32.37 -4.65 17.21
CA LEU C 279 32.38 -5.80 18.11
C LEU C 279 32.05 -7.09 17.36
N MET C 280 31.11 -7.03 16.42
CA MET C 280 30.50 -8.23 15.86
C MET C 280 29.99 -7.97 14.46
N THR C 281 29.90 -9.06 13.67
CA THR C 281 29.32 -9.04 12.33
C THR C 281 28.37 -10.21 12.19
N TYR C 282 27.21 -9.94 11.58
CA TYR C 282 26.12 -10.91 11.46
C TYR C 282 25.97 -11.26 9.99
N SER C 283 26.37 -12.47 9.61
CA SER C 283 26.34 -12.90 8.22
C SER C 283 26.21 -14.40 8.14
N HIS C 284 25.66 -14.87 7.01
CA HIS C 284 25.58 -16.28 6.69
C HIS C 284 25.84 -16.46 5.20
N ASP C 285 26.34 -17.65 4.84
CA ASP C 285 26.69 -17.91 3.44
C ASP C 285 25.46 -17.92 2.54
N ASN C 286 24.32 -18.33 3.08
CA ASN C 286 23.09 -18.35 2.29
C ASN C 286 22.65 -16.94 1.92
N ILE C 287 22.95 -15.96 2.77
CA ILE C 287 22.42 -14.60 2.63
C ILE C 287 23.36 -13.84 1.70
N ILE C 288 22.93 -13.67 0.45
CA ILE C 288 23.60 -12.77 -0.51
C ILE C 288 22.96 -11.40 -0.55
N CYS C 289 21.73 -11.25 -0.05
CA CYS C 289 20.94 -10.06 -0.31
C CYS C 289 21.27 -8.93 0.67
N GLY C 290 21.02 -7.70 0.23
CA GLY C 290 21.34 -6.56 1.06
C GLY C 290 20.29 -6.30 2.12
N ILE C 291 20.73 -5.69 3.22
CA ILE C 291 19.85 -5.39 4.35
C ILE C 291 19.17 -4.05 4.08
N THR C 292 17.84 -4.08 3.98
CA THR C 292 17.08 -2.86 3.71
C THR C 292 16.87 -2.04 4.98
N SER C 293 16.68 -2.71 6.12
CA SER C 293 16.38 -2.04 7.37
C SER C 293 16.95 -2.86 8.53
N VAL C 294 17.16 -2.21 9.67
CA VAL C 294 17.55 -2.88 10.91
C VAL C 294 16.81 -2.21 12.07
N SER C 295 16.62 -2.98 13.14
CA SER C 295 16.11 -2.44 14.39
C SER C 295 16.51 -3.37 15.52
N PHE C 296 16.46 -2.82 16.74
CA PHE C 296 16.79 -3.55 17.95
C PHE C 296 15.53 -3.79 18.76
N SER C 297 15.47 -4.95 19.39
CA SER C 297 14.44 -5.22 20.38
C SER C 297 14.66 -4.35 21.61
N LYS C 298 13.66 -4.34 22.50
CA LYS C 298 13.71 -3.41 23.64
C LYS C 298 14.89 -3.70 24.55
N SER C 299 15.16 -4.98 24.84
CA SER C 299 16.32 -5.32 25.64
C SER C 299 17.61 -5.10 24.87
N GLY C 300 17.57 -5.22 23.54
CA GLY C 300 18.74 -5.22 22.70
C GLY C 300 19.35 -6.58 22.45
N ARG C 301 18.79 -7.65 23.01
CA ARG C 301 19.29 -8.99 22.75
C ARG C 301 19.03 -9.40 21.31
N LEU C 302 17.92 -8.94 20.73
CA LEU C 302 17.49 -9.33 19.39
C LEU C 302 17.77 -8.19 18.42
N LEU C 303 18.48 -8.51 17.34
CA LEU C 303 18.68 -7.60 16.21
C LEU C 303 17.84 -8.12 15.05
N LEU C 304 16.86 -7.31 14.65
CA LEU C 304 15.95 -7.64 13.56
C LEU C 304 16.38 -6.85 12.32
N ALA C 305 16.55 -7.55 11.21
CA ALA C 305 17.03 -6.96 9.97
C ALA C 305 16.12 -7.38 8.82
N GLY C 306 15.89 -6.45 7.90
CA GLY C 306 15.06 -6.69 6.73
C GLY C 306 15.91 -6.73 5.48
N TYR C 307 15.60 -7.67 4.58
CA TYR C 307 16.47 -8.01 3.46
C TYR C 307 15.72 -7.87 2.15
N ASP C 308 16.49 -7.83 1.05
CA ASP C 308 15.91 -7.89 -0.28
C ASP C 308 15.45 -9.29 -0.67
N ASP C 309 15.74 -10.31 0.16
CA ASP C 309 15.25 -11.66 -0.09
C ASP C 309 13.78 -11.86 0.32
N PHE C 310 13.05 -10.78 0.60
CA PHE C 310 11.61 -10.79 0.89
C PHE C 310 11.33 -11.30 2.29
N ASN C 311 12.37 -11.47 3.13
CA ASN C 311 12.24 -12.01 4.47
C ASN C 311 13.10 -11.19 5.43
N CYS C 312 12.76 -11.27 6.72
CA CYS C 312 13.50 -10.62 7.79
C CYS C 312 14.05 -11.68 8.73
N ASN C 313 15.35 -11.59 9.02
CA ASN C 313 16.04 -12.53 9.90
C ASN C 313 16.28 -11.89 11.25
N VAL C 314 16.06 -12.64 12.32
CA VAL C 314 16.20 -12.17 13.69
C VAL C 314 17.48 -12.76 14.27
N TRP C 315 18.42 -11.89 14.66
CA TRP C 315 19.74 -12.29 15.09
C TRP C 315 19.88 -12.11 16.59
N ASP C 316 20.37 -13.15 17.26
CA ASP C 316 20.80 -12.98 18.64
C ASP C 316 22.01 -12.06 18.66
N ALA C 317 21.78 -10.80 19.05
CA ALA C 317 22.78 -9.76 18.85
C ALA C 317 24.04 -10.02 19.66
N LEU C 318 23.89 -10.64 20.83
CA LEU C 318 25.07 -10.91 21.66
C LEU C 318 25.95 -12.01 21.05
N LYS C 319 25.34 -13.02 20.45
CA LYS C 319 26.05 -14.21 19.98
C LYS C 319 26.15 -14.32 18.46
N ALA C 320 25.42 -13.49 17.70
CA ALA C 320 25.38 -13.58 16.25
C ALA C 320 24.93 -14.96 15.77
N ASP C 321 23.84 -15.44 16.37
CA ASP C 321 23.15 -16.64 15.93
C ASP C 321 21.76 -16.24 15.45
N ARG C 322 21.38 -16.69 14.27
CA ARG C 322 20.02 -16.45 13.82
C ARG C 322 19.04 -17.20 14.72
N ALA C 323 18.06 -16.47 15.24
CA ALA C 323 17.06 -17.01 16.14
C ALA C 323 15.70 -17.21 15.49
N GLY C 324 15.43 -16.57 14.36
CA GLY C 324 14.16 -16.74 13.69
C GLY C 324 14.15 -16.05 12.35
N VAL C 325 13.08 -16.31 11.60
CA VAL C 325 12.85 -15.68 10.30
C VAL C 325 11.38 -15.26 10.26
N LEU C 326 11.12 -14.06 9.76
CA LEU C 326 9.77 -13.55 9.53
C LEU C 326 9.56 -13.46 8.02
N ALA C 327 8.74 -14.38 7.49
CA ALA C 327 8.49 -14.50 6.06
C ALA C 327 6.99 -14.50 5.81
N GLY C 328 6.47 -13.37 5.38
CA GLY C 328 5.08 -13.26 4.96
C GLY C 328 4.86 -12.30 3.81
N HIS C 329 5.94 -11.83 3.19
CA HIS C 329 5.89 -10.71 2.24
C HIS C 329 6.17 -11.22 0.83
N ASP C 330 5.42 -10.71 -0.14
CA ASP C 330 5.59 -11.13 -1.53
C ASP C 330 6.83 -10.49 -2.15
N ASN C 331 7.17 -9.27 -1.74
CA ASN C 331 8.27 -8.50 -2.30
C ASN C 331 9.19 -8.06 -1.16
N ARG C 332 10.22 -7.30 -1.51
CA ARG C 332 11.26 -6.95 -0.54
C ARG C 332 10.69 -6.10 0.58
N VAL C 333 11.25 -6.23 1.77
CA VAL C 333 10.86 -5.40 2.91
C VAL C 333 11.61 -4.08 2.81
N SER C 334 10.85 -2.98 2.68
CA SER C 334 11.46 -1.66 2.56
C SER C 334 11.83 -1.10 3.92
N CYS C 335 10.98 -1.34 4.94
CA CYS C 335 11.14 -0.74 6.25
C CYS C 335 10.86 -1.76 7.33
N LEU C 336 11.44 -1.53 8.50
CA LEU C 336 11.27 -2.37 9.67
C LEU C 336 11.30 -1.47 10.90
N GLY C 337 10.38 -1.71 11.84
CA GLY C 337 10.33 -0.94 13.07
C GLY C 337 9.84 -1.78 14.22
N VAL C 338 10.36 -1.45 15.41
CA VAL C 338 10.05 -2.14 16.65
C VAL C 338 9.40 -1.15 17.59
N THR C 339 8.35 -1.59 18.29
CA THR C 339 7.54 -0.71 19.10
C THR C 339 8.34 -0.18 20.29
N ASP C 340 7.98 1.03 20.74
CA ASP C 340 8.69 1.65 21.85
C ASP C 340 8.53 0.84 23.14
N ASP C 341 7.30 0.40 23.43
CA ASP C 341 7.11 -0.51 24.55
C ASP C 341 7.76 -1.87 24.31
N GLY C 342 7.99 -2.23 23.05
CA GLY C 342 8.63 -3.46 22.70
C GLY C 342 7.69 -4.61 22.40
N MET C 343 6.39 -4.36 22.33
CA MET C 343 5.43 -5.45 22.20
C MET C 343 5.49 -6.09 20.82
N ALA C 344 5.63 -5.28 19.77
CA ALA C 344 5.39 -5.73 18.40
C ALA C 344 6.44 -5.17 17.46
N VAL C 345 6.58 -5.86 16.32
CA VAL C 345 7.43 -5.45 15.21
C VAL C 345 6.54 -5.23 14.01
N ALA C 346 6.67 -4.07 13.37
CA ALA C 346 5.97 -3.76 12.13
C ALA C 346 6.96 -3.73 10.98
N THR C 347 6.60 -4.43 9.90
CA THR C 347 7.40 -4.48 8.69
C THR C 347 6.56 -3.99 7.53
N GLY C 348 7.21 -3.32 6.59
CA GLY C 348 6.57 -2.90 5.36
C GLY C 348 7.37 -3.41 4.18
N SER C 349 6.68 -3.61 3.07
CA SER C 349 7.30 -4.19 1.89
C SER C 349 6.70 -3.60 0.63
N TRP C 350 7.35 -3.88 -0.50
CA TRP C 350 6.93 -3.40 -1.80
C TRP C 350 5.72 -4.15 -2.35
N ASP C 351 5.24 -5.19 -1.66
CA ASP C 351 3.96 -5.80 -2.01
C ASP C 351 2.76 -4.96 -1.55
N SER C 352 3.01 -3.84 -0.86
CA SER C 352 2.01 -2.85 -0.46
C SER C 352 1.17 -3.28 0.75
N PHE C 353 1.59 -4.33 1.45
CA PHE C 353 1.00 -4.73 2.72
C PHE C 353 2.07 -4.67 3.79
N LEU C 354 1.78 -3.96 4.88
CA LEU C 354 2.65 -3.88 6.04
C LEU C 354 2.00 -4.63 7.19
N LYS C 355 2.80 -5.47 7.86
CA LYS C 355 2.30 -6.46 8.81
C LYS C 355 2.93 -6.24 10.17
N ILE C 356 2.16 -6.55 11.21
CA ILE C 356 2.59 -6.41 12.60
C ILE C 356 2.81 -7.80 13.17
N TRP C 357 3.96 -8.01 13.80
CA TRP C 357 4.43 -9.32 14.26
C TRP C 357 4.66 -9.25 15.77
N ASN C 358 4.25 -10.29 16.48
CA ASN C 358 4.34 -10.33 17.93
C ASN C 358 4.73 -11.72 18.42
N ALA D 12 42.18 18.95 1.83
CA ALA D 12 43.12 18.10 2.55
C ALA D 12 43.46 18.71 3.91
N ARG D 13 43.53 20.04 3.96
CA ARG D 13 43.78 20.72 5.22
C ARG D 13 42.63 20.48 6.20
N LYS D 14 41.39 20.47 5.70
CA LYS D 14 40.25 20.20 6.55
C LYS D 14 40.28 18.74 7.04
N LEU D 15 40.72 17.82 6.19
CA LEU D 15 40.71 16.40 6.55
C LEU D 15 41.63 16.12 7.73
N VAL D 16 42.84 16.70 7.72
CA VAL D 16 43.79 16.42 8.80
C VAL D 16 43.28 16.94 10.13
N GLU D 17 42.56 18.07 10.10
CA GLU D 17 41.99 18.59 11.34
C GLU D 17 40.96 17.64 11.93
N GLN D 18 40.08 17.09 11.09
CA GLN D 18 39.12 16.11 11.58
C GLN D 18 39.81 14.83 12.01
N LEU D 19 40.81 14.39 11.24
CA LEU D 19 41.53 13.17 11.59
C LEU D 19 42.30 13.36 12.90
N LYS D 20 42.77 14.57 13.17
CA LYS D 20 43.39 14.86 14.45
C LYS D 20 42.38 14.80 15.59
N MET D 21 41.17 15.33 15.37
CA MET D 21 40.14 15.25 16.38
C MET D 21 39.73 13.81 16.65
N GLU D 22 39.57 13.02 15.59
CA GLU D 22 39.26 11.61 15.77
C GLU D 22 40.46 10.83 16.30
N ALA D 23 41.68 11.34 16.07
CA ALA D 23 42.87 10.63 16.53
C ALA D 23 42.91 10.52 18.04
N ASN D 24 42.65 11.63 18.76
CA ASN D 24 42.62 11.64 20.21
C ASN D 24 41.16 11.55 20.67
N ILE D 25 40.83 10.41 21.27
CA ILE D 25 39.53 10.15 21.88
C ILE D 25 39.78 9.19 23.03
N ASP D 26 39.00 9.32 24.10
CA ASP D 26 39.06 8.34 25.16
C ASP D 26 38.47 7.02 24.67
N ARG D 27 39.24 5.93 24.85
CA ARG D 27 38.87 4.61 24.39
C ARG D 27 38.94 3.64 25.56
N ILE D 28 38.05 2.63 25.53
CA ILE D 28 37.87 1.66 26.59
C ILE D 28 38.04 0.27 26.00
N LYS D 29 38.43 -0.68 26.85
CA LYS D 29 38.68 -2.04 26.40
C LYS D 29 37.42 -2.68 25.84
N VAL D 30 37.61 -3.52 24.82
CA VAL D 30 36.48 -4.17 24.17
C VAL D 30 35.82 -5.14 25.14
N SER D 31 36.60 -5.76 26.02
CA SER D 31 36.01 -6.63 27.04
C SER D 31 35.09 -5.86 27.95
N LYS D 32 35.51 -4.66 28.39
CA LYS D 32 34.66 -3.84 29.24
C LYS D 32 33.40 -3.40 28.50
N ALA D 33 33.54 -3.03 27.22
CA ALA D 33 32.37 -2.58 26.47
C ALA D 33 31.38 -3.73 26.24
N ALA D 34 31.89 -4.91 25.90
CA ALA D 34 31.03 -6.08 25.74
C ALA D 34 30.37 -6.46 27.06
N ALA D 35 31.10 -6.34 28.17
CA ALA D 35 30.52 -6.62 29.47
C ALA D 35 29.40 -5.64 29.78
N ASP D 36 29.56 -4.37 29.41
CA ASP D 36 28.49 -3.40 29.60
C ASP D 36 27.26 -3.75 28.77
N LEU D 37 27.47 -4.17 27.52
CA LEU D 37 26.33 -4.55 26.68
C LEU D 37 25.61 -5.78 27.25
N MET D 38 26.38 -6.76 27.72
CA MET D 38 25.79 -7.93 28.36
C MET D 38 25.04 -7.53 29.63
N ALA D 39 25.59 -6.60 30.41
CA ALA D 39 24.92 -6.15 31.61
C ALA D 39 23.57 -5.54 31.28
N TYR D 40 23.51 -4.71 30.24
CA TYR D 40 22.24 -4.13 29.84
C TYR D 40 21.25 -5.20 29.38
N CYS D 41 21.71 -6.14 28.54
CA CYS D 41 20.79 -7.12 27.97
C CYS D 41 20.24 -8.08 29.03
N GLU D 42 21.10 -8.54 29.94
CA GLU D 42 20.61 -9.40 31.03
C GLU D 42 19.76 -8.63 32.03
N ALA D 43 20.06 -7.34 32.26
CA ALA D 43 19.24 -6.55 33.17
C ALA D 43 17.83 -6.37 32.64
N HIS D 44 17.70 -6.09 31.35
CA HIS D 44 16.41 -5.79 30.72
C HIS D 44 15.78 -6.99 30.02
N ALA D 45 16.25 -8.21 30.28
CA ALA D 45 15.72 -9.37 29.57
C ALA D 45 14.25 -9.62 29.90
N LYS D 46 13.89 -9.49 31.18
CA LYS D 46 12.51 -9.77 31.58
C LYS D 46 11.55 -8.75 30.99
N GLU D 47 11.97 -7.49 30.86
CA GLU D 47 11.08 -6.45 30.36
C GLU D 47 10.69 -6.68 28.90
N ASP D 48 11.51 -7.39 28.14
CA ASP D 48 11.35 -7.48 26.69
C ASP D 48 10.20 -8.41 26.32
N PRO D 49 9.16 -7.95 25.61
CA PRO D 49 8.11 -8.90 25.17
C PRO D 49 8.53 -9.83 24.05
N LEU D 50 9.32 -9.34 23.08
CA LEU D 50 9.63 -10.17 21.92
C LEU D 50 10.53 -11.34 22.28
N LEU D 51 11.46 -11.13 23.22
CA LEU D 51 12.39 -12.19 23.59
C LEU D 51 11.66 -13.34 24.26
N THR D 52 10.74 -13.05 25.18
CA THR D 52 9.95 -14.01 25.92
C THR D 52 8.46 -13.73 25.68
N PRO D 53 7.69 -14.64 25.07
CA PRO D 53 6.37 -14.24 24.54
C PRO D 53 5.41 -13.84 25.65
N VAL D 54 4.81 -12.66 25.48
CA VAL D 54 3.92 -12.04 26.46
C VAL D 54 2.64 -12.88 26.50
N PRO D 55 1.98 -13.06 27.65
CA PRO D 55 0.77 -13.91 27.64
C PRO D 55 -0.38 -13.22 26.93
N ALA D 56 -1.33 -14.04 26.47
CA ALA D 56 -2.36 -13.57 25.54
C ALA D 56 -3.24 -12.49 26.15
N SER D 57 -3.49 -12.58 27.46
CA SER D 57 -4.25 -11.51 28.11
C SER D 57 -3.50 -10.19 28.06
N GLU D 58 -2.19 -10.23 28.33
CA GLU D 58 -1.38 -9.01 28.30
C GLU D 58 -1.19 -8.52 26.87
N ASN D 59 -1.29 -9.41 25.89
CA ASN D 59 -1.03 -9.03 24.51
C ASN D 59 -2.12 -8.07 24.01
N PRO D 60 -1.78 -6.85 23.56
CA PRO D 60 -2.81 -6.03 22.93
C PRO D 60 -3.25 -6.55 21.57
N PHE D 61 -2.35 -7.23 20.85
CA PHE D 61 -2.65 -7.84 19.56
C PHE D 61 -2.97 -9.32 19.76
N VAL E 2 -13.67 28.86 13.06
CA VAL E 2 -14.69 27.81 13.12
C VAL E 2 -15.97 28.43 13.66
N GLN E 3 -17.07 28.26 12.93
CA GLN E 3 -18.35 28.84 13.31
C GLN E 3 -19.48 27.93 12.87
N LEU E 4 -20.51 27.83 13.71
CA LEU E 4 -21.79 27.22 13.37
C LEU E 4 -22.87 28.22 13.73
N VAL E 5 -23.70 28.60 12.76
CA VAL E 5 -24.76 29.57 12.93
C VAL E 5 -26.08 28.90 12.61
N GLU E 6 -27.02 28.93 13.56
CA GLU E 6 -28.31 28.28 13.43
C GLU E 6 -29.35 29.30 12.99
N SER E 7 -30.20 28.89 12.05
CA SER E 7 -31.25 29.74 11.49
C SER E 7 -32.58 28.97 11.54
N GLY E 8 -33.67 29.72 11.43
CA GLY E 8 -34.99 29.20 11.65
C GLY E 8 -35.41 29.35 13.10
N GLY E 9 -36.71 29.27 13.33
CA GLY E 9 -37.26 29.39 14.66
C GLY E 9 -38.57 30.16 14.63
N GLY E 10 -38.97 30.61 15.81
CA GLY E 10 -40.21 31.36 15.98
C GLY E 10 -41.37 30.45 16.35
N LEU E 11 -42.52 31.08 16.51
CA LEU E 11 -43.71 30.38 16.98
C LEU E 11 -44.26 29.45 15.90
N VAL E 12 -44.57 28.23 16.30
CA VAL E 12 -45.29 27.26 15.48
C VAL E 12 -46.50 26.80 16.28
N GLN E 13 -47.67 26.85 15.66
CA GLN E 13 -48.87 26.35 16.32
C GLN E 13 -48.75 24.83 16.45
N PRO E 14 -49.37 24.21 17.46
CA PRO E 14 -49.17 22.77 17.67
C PRO E 14 -49.71 21.96 16.50
N GLY E 15 -48.99 20.88 16.18
CA GLY E 15 -49.27 20.10 14.99
C GLY E 15 -48.62 20.63 13.71
N GLY E 16 -47.94 21.77 13.77
CA GLY E 16 -47.30 22.33 12.59
C GLY E 16 -45.96 21.68 12.29
N SER E 17 -45.33 22.17 11.22
CA SER E 17 -44.03 21.71 10.76
C SER E 17 -43.10 22.90 10.55
N ARG E 18 -41.84 22.75 10.97
CA ARG E 18 -40.81 23.77 10.77
C ARG E 18 -39.48 23.10 10.48
N LYS E 19 -38.63 23.81 9.75
CA LYS E 19 -37.27 23.37 9.42
C LYS E 19 -36.27 24.30 10.07
N LEU E 20 -35.26 23.71 10.72
CA LEU E 20 -34.14 24.43 11.31
C LEU E 20 -32.88 24.00 10.58
N SER E 21 -32.04 24.98 10.23
CA SER E 21 -30.78 24.74 9.55
C SER E 21 -29.64 25.41 10.31
N CYS E 22 -28.47 24.75 10.35
CA CYS E 22 -27.24 25.36 10.85
C CYS E 22 -26.21 25.36 9.73
N SER E 23 -25.55 26.50 9.56
CA SER E 23 -24.58 26.71 8.49
C SER E 23 -23.16 26.64 9.05
N ALA E 24 -22.31 25.87 8.39
CA ALA E 24 -20.94 25.59 8.86
C ALA E 24 -19.95 26.44 8.10
N SER E 25 -19.07 27.11 8.83
CA SER E 25 -18.01 27.92 8.26
C SER E 25 -16.71 27.65 9.00
N GLY E 26 -15.62 27.54 8.23
CA GLY E 26 -14.30 27.45 8.82
C GLY E 26 -13.84 26.07 9.23
N PHE E 27 -14.57 25.01 8.88
CA PHE E 27 -14.12 23.65 9.15
C PHE E 27 -14.61 22.71 8.07
N ALA E 28 -13.92 21.58 7.94
CA ALA E 28 -14.22 20.57 6.92
C ALA E 28 -15.50 19.88 7.32
N PHE E 29 -16.62 20.43 6.87
CA PHE E 29 -17.94 19.98 7.35
C PHE E 29 -18.22 18.54 6.94
N SER E 30 -17.65 18.09 5.82
CA SER E 30 -17.89 16.71 5.38
C SER E 30 -17.30 15.71 6.36
N SER E 31 -16.14 16.02 6.93
CA SER E 31 -15.47 15.07 7.81
C SER E 31 -16.20 14.91 9.14
N PHE E 32 -16.84 15.97 9.62
CA PHE E 32 -17.39 15.98 10.97
C PHE E 32 -18.78 15.33 11.01
N GLY E 33 -18.96 14.39 11.93
CA GLY E 33 -20.30 13.96 12.27
C GLY E 33 -20.99 15.03 13.11
N MET E 34 -22.28 15.21 12.86
CA MET E 34 -23.03 16.35 13.37
C MET E 34 -24.25 15.89 14.16
N HIS E 35 -24.62 16.68 15.17
CA HIS E 35 -25.76 16.41 16.03
C HIS E 35 -26.76 17.55 15.97
N VAL E 37 -28.95 18.41 19.57
CA VAL E 37 -29.06 18.69 21.00
C VAL E 37 -29.95 19.91 21.19
N ARG E 38 -30.88 19.83 22.15
CA ARG E 38 -31.76 20.95 22.49
C ARG E 38 -31.75 21.17 23.99
N GLN E 39 -32.11 22.38 24.40
CA GLN E 39 -32.32 22.73 25.80
C GLN E 39 -33.70 23.33 25.99
N ALA E 40 -34.49 22.73 26.88
CA ALA E 40 -35.77 23.29 27.26
C ALA E 40 -35.52 24.64 27.96
N PRO E 41 -36.58 25.48 28.09
CA PRO E 41 -36.33 26.91 28.40
C PRO E 41 -35.54 27.17 29.67
N GLU E 42 -35.74 26.35 30.71
CA GLU E 42 -34.97 26.44 31.95
C GLU E 42 -34.43 25.08 32.40
N LYS E 43 -34.62 24.01 31.63
CA LYS E 43 -34.27 22.65 32.05
C LYS E 43 -33.04 22.21 31.28
N GLY E 44 -32.63 20.96 31.51
CA GLY E 44 -31.34 20.49 31.03
C GLY E 44 -31.33 20.15 29.55
N LEU E 45 -30.14 19.78 29.09
CA LEU E 45 -29.94 19.41 27.69
C LEU E 45 -30.46 18.01 27.40
N GLU E 46 -30.91 17.80 26.15
CA GLU E 46 -31.31 16.50 25.64
C GLU E 46 -30.87 16.38 24.19
N TRP E 47 -30.45 15.17 23.79
CA TRP E 47 -29.86 14.95 22.48
C TRP E 47 -30.94 14.52 21.51
N VAL E 48 -31.03 15.20 20.36
CA VAL E 48 -32.12 14.96 19.42
C VAL E 48 -31.74 13.92 18.38
N ALA E 49 -30.69 14.18 17.60
CA ALA E 49 -30.38 13.36 16.44
C ALA E 49 -28.88 13.43 16.14
N TYR E 50 -28.42 12.51 15.30
CA TYR E 50 -27.03 12.40 14.89
C TYR E 50 -26.98 12.01 13.42
N ILE E 51 -26.06 12.61 12.67
CA ILE E 51 -25.78 12.22 11.29
C ILE E 51 -24.27 12.01 11.17
N SER E 52 -23.87 10.87 10.61
CA SER E 52 -22.46 10.56 10.48
C SER E 52 -21.84 11.33 9.32
N SER E 53 -20.52 11.23 9.19
CA SER E 53 -19.86 11.76 8.01
C SER E 53 -20.27 10.96 6.79
N GLY E 54 -20.67 11.67 5.73
CA GLY E 54 -21.19 11.02 4.55
C GLY E 54 -22.64 10.60 4.62
N SER E 55 -23.34 10.90 5.72
CA SER E 55 -24.76 10.62 5.92
C SER E 55 -25.07 9.13 6.02
N GLY E 56 -24.06 8.30 6.27
CA GLY E 56 -24.30 6.86 6.27
C GLY E 56 -25.19 6.39 7.41
N THR E 57 -25.00 6.97 8.60
CA THR E 57 -25.64 6.52 9.83
C THR E 57 -26.46 7.65 10.44
N ILE E 58 -27.69 7.34 10.83
CA ILE E 58 -28.58 8.29 11.48
C ILE E 58 -29.16 7.63 12.73
N TYR E 59 -29.20 8.39 13.82
CA TYR E 59 -29.89 8.00 15.04
C TYR E 59 -30.78 9.14 15.50
N TYR E 60 -31.90 8.79 16.13
CA TYR E 60 -32.79 9.76 16.78
C TYR E 60 -33.14 9.24 18.16
N ALA E 61 -33.45 10.16 19.06
CA ALA E 61 -34.00 9.76 20.35
C ALA E 61 -35.41 9.24 20.17
N ASP E 62 -35.90 8.50 21.16
CA ASP E 62 -37.19 7.84 21.04
C ASP E 62 -38.33 8.85 20.91
N THR E 63 -38.23 9.97 21.62
CA THR E 63 -39.30 10.97 21.59
C THR E 63 -39.45 11.58 20.20
N VAL E 64 -38.34 11.89 19.55
CA VAL E 64 -38.38 12.61 18.28
C VAL E 64 -38.55 11.65 17.10
N LYS E 65 -38.19 10.38 17.27
CA LYS E 65 -38.11 9.45 16.14
C LYS E 65 -39.48 9.21 15.52
N GLY E 66 -39.50 9.06 14.20
CA GLY E 66 -40.72 8.98 13.44
C GLY E 66 -41.36 10.32 13.14
N ARG E 67 -40.84 11.40 13.72
CA ARG E 67 -41.46 12.72 13.69
C ARG E 67 -40.48 13.83 13.33
N PHE E 68 -39.18 13.62 13.57
CA PHE E 68 -38.10 14.54 13.19
C PHE E 68 -37.23 13.84 12.17
N THR E 69 -36.66 14.61 11.24
CA THR E 69 -35.72 14.09 10.25
C THR E 69 -34.53 15.03 10.15
N ILE E 70 -33.32 14.45 10.16
CA ILE E 70 -32.06 15.20 10.10
C ILE E 70 -31.39 14.87 8.77
N SER E 71 -30.89 15.91 8.10
CA SER E 71 -30.20 15.77 6.83
C SER E 71 -29.09 16.80 6.75
N ARG E 72 -28.08 16.49 5.93
CA ARG E 72 -26.93 17.36 5.71
C ARG E 72 -26.72 17.54 4.21
N ASP E 73 -26.41 18.78 3.80
CA ASP E 73 -26.02 19.10 2.43
C ASP E 73 -24.53 19.45 2.46
N ASP E 74 -23.70 18.44 2.23
CA ASP E 74 -22.24 18.58 2.37
C ASP E 74 -21.65 19.61 1.41
N PRO E 75 -22.01 19.64 0.12
CA PRO E 75 -21.48 20.72 -0.75
C PRO E 75 -21.86 22.12 -0.28
N LYS E 76 -23.09 22.30 0.21
CA LYS E 76 -23.53 23.61 0.68
C LYS E 76 -23.08 23.92 2.10
N ASN E 77 -22.52 22.94 2.83
CA ASN E 77 -22.09 23.13 4.22
C ASN E 77 -23.26 23.57 5.11
N THR E 78 -24.33 22.80 5.10
CA THR E 78 -25.50 23.06 5.92
C THR E 78 -26.06 21.75 6.44
N LEU E 79 -26.55 21.78 7.68
CA LEU E 79 -27.26 20.68 8.33
C LEU E 79 -28.66 21.14 8.65
N PHE E 80 -29.66 20.32 8.29
CA PHE E 80 -31.07 20.63 8.51
C PHE E 80 -31.69 19.65 9.49
N LEU E 81 -32.69 20.14 10.22
CA LEU E 81 -33.62 19.31 10.97
C LEU E 81 -35.04 19.62 10.51
N GLN E 82 -35.70 18.63 9.93
CA GLN E 82 -37.09 18.74 9.49
C GLN E 82 -37.98 18.19 10.59
N MET E 83 -38.83 19.06 11.14
CA MET E 83 -39.73 18.72 12.23
C MET E 83 -41.17 18.83 11.73
N THR E 84 -41.98 17.84 12.09
CA THR E 84 -43.39 17.80 11.75
C THR E 84 -44.20 17.50 13.00
N SER E 85 -45.46 17.92 12.99
CA SER E 85 -46.42 17.67 14.09
C SER E 85 -45.85 18.13 15.43
N LEU E 86 -45.37 19.37 15.46
CA LEU E 86 -44.70 19.89 16.65
C LEU E 86 -45.66 19.95 17.82
N ARG E 87 -45.11 19.72 19.01
CA ARG E 87 -45.87 19.54 20.24
C ARG E 87 -45.26 20.48 21.28
N SER E 88 -46.03 20.75 22.35
CA SER E 88 -45.58 21.71 23.37
C SER E 88 -44.27 21.28 24.03
N GLU E 89 -43.96 19.99 24.04
CA GLU E 89 -42.68 19.53 24.58
C GLU E 89 -41.51 20.06 23.74
N ASP E 90 -41.73 20.28 22.44
CA ASP E 90 -40.62 20.58 21.54
C ASP E 90 -40.06 21.98 21.74
N THR E 91 -40.73 22.84 22.52
CA THR E 91 -40.21 24.17 22.78
C THR E 91 -38.86 24.08 23.48
N ALA E 92 -37.83 24.68 22.87
CA ALA E 92 -36.46 24.54 23.35
C ALA E 92 -35.54 25.44 22.54
N MET E 93 -34.25 25.45 22.89
CA MET E 93 -33.20 26.06 22.09
C MET E 93 -32.37 24.95 21.48
N TYR E 94 -32.35 24.88 20.16
CA TYR E 94 -31.74 23.76 19.43
C TYR E 94 -30.32 24.13 19.05
N TYR E 95 -29.37 23.29 19.46
CA TYR E 95 -27.95 23.52 19.22
C TYR E 95 -27.45 22.56 18.15
N CYS E 96 -26.59 23.08 17.27
CA CYS E 96 -25.93 22.32 16.24
C CYS E 96 -24.50 22.06 16.69
N VAL E 97 -24.12 20.79 16.78
CA VAL E 97 -22.85 20.37 17.37
C VAL E 97 -22.08 19.57 16.33
N ARG E 98 -20.76 19.73 16.35
CA ARG E 98 -19.85 19.01 15.47
C ARG E 98 -19.12 17.93 16.26
N SER E 99 -18.89 16.79 15.63
CA SER E 99 -18.19 15.69 16.26
C SER E 99 -17.40 14.93 15.21
N ILE E 100 -16.12 14.65 15.52
CA ILE E 100 -15.23 13.87 14.66
C ILE E 100 -14.69 12.71 15.48
N TYR E 101 -14.78 11.50 14.92
CA TYR E 101 -14.43 10.27 15.59
C TYR E 101 -13.25 9.60 14.90
N TYR E 102 -12.12 9.58 15.60
CA TYR E 102 -10.98 8.75 15.27
C TYR E 102 -10.20 8.58 16.57
N TYR E 103 -9.07 7.88 16.49
CA TYR E 103 -8.30 7.66 17.71
C TYR E 103 -7.73 8.96 18.23
N GLY E 104 -8.12 9.33 19.45
CA GLY E 104 -7.67 10.55 20.08
C GLY E 104 -8.48 11.79 19.76
N SER E 105 -9.58 11.66 19.02
CA SER E 105 -10.39 12.82 18.67
C SER E 105 -11.17 13.30 19.88
N SER E 106 -11.68 14.54 19.79
CA SER E 106 -12.48 15.16 20.83
C SER E 106 -13.87 15.44 20.28
N PRO E 107 -14.84 14.54 20.43
CA PRO E 107 -16.20 14.85 19.98
C PRO E 107 -16.84 15.95 20.82
N PHE E 108 -17.87 16.58 20.24
CA PHE E 108 -18.73 17.58 20.86
C PHE E 108 -17.96 18.86 21.19
N ASP E 109 -16.84 19.10 20.49
CA ASP E 109 -15.96 20.21 20.88
C ASP E 109 -16.60 21.57 20.65
N PHE E 110 -17.28 21.76 19.51
CA PHE E 110 -17.84 23.06 19.12
C PHE E 110 -19.36 22.98 19.01
N TRP E 111 -20.02 23.99 19.56
CA TRP E 111 -21.48 24.09 19.61
C TRP E 111 -21.90 25.42 19.01
N GLY E 112 -22.97 25.40 18.23
CA GLY E 112 -23.52 26.64 17.71
C GLY E 112 -24.26 27.44 18.78
N GLN E 113 -24.63 28.67 18.43
CA GLN E 113 -25.32 29.52 19.39
C GLN E 113 -26.73 29.01 19.68
N GLY E 114 -27.46 28.62 18.64
CA GLY E 114 -28.74 27.95 18.78
C GLY E 114 -29.91 28.86 18.42
N THR E 115 -31.02 28.22 18.04
CA THR E 115 -32.25 28.87 17.63
C THR E 115 -33.38 28.53 18.58
N THR E 116 -34.07 29.56 19.06
CA THR E 116 -35.26 29.34 19.88
C THR E 116 -36.37 28.73 19.05
N LEU E 117 -37.06 27.75 19.64
CA LEU E 117 -38.32 27.23 19.12
C LEU E 117 -39.34 27.29 20.24
N THR E 118 -40.50 27.86 19.94
CA THR E 118 -41.62 27.92 20.88
C THR E 118 -42.85 27.35 20.19
N VAL E 119 -43.57 26.47 20.90
CA VAL E 119 -44.67 25.71 20.33
C VAL E 119 -45.90 25.85 21.23
N ASP E 137 -30.99 2.61 28.25
CA ASP E 137 -30.79 4.03 28.51
C ASP E 137 -30.00 4.24 29.79
N ILE E 138 -28.74 4.65 29.64
CA ILE E 138 -27.93 5.00 30.81
C ILE E 138 -28.52 6.26 31.43
N VAL E 139 -28.68 6.23 32.75
CA VAL E 139 -29.29 7.33 33.50
C VAL E 139 -28.16 8.08 34.21
N MET E 140 -27.97 9.33 33.83
CA MET E 140 -26.92 10.18 34.38
C MET E 140 -27.53 11.12 35.40
N THR E 141 -26.99 11.10 36.61
CA THR E 141 -27.50 11.89 37.73
C THR E 141 -26.41 12.80 38.25
N GLN E 142 -26.74 14.08 38.39
CA GLN E 142 -25.90 15.07 39.08
C GLN E 142 -26.58 15.38 40.40
N ALA E 143 -25.89 15.05 41.51
CA ALA E 143 -26.54 15.07 42.82
C ALA E 143 -26.93 16.48 43.23
N THR E 144 -26.05 17.45 42.99
CA THR E 144 -26.21 18.81 43.48
C THR E 144 -26.83 19.67 42.39
N SER E 145 -27.90 20.40 42.74
CA SER E 145 -28.45 21.39 41.84
C SER E 145 -27.59 22.65 41.81
N SER E 146 -27.09 23.07 42.97
CA SER E 146 -26.27 24.27 43.10
C SER E 146 -25.20 24.03 44.16
N VAL E 147 -24.13 24.81 44.07
CA VAL E 147 -23.02 24.74 45.01
C VAL E 147 -22.56 26.17 45.30
N PRO E 148 -22.38 26.58 46.55
CA PRO E 148 -21.73 27.88 46.79
C PRO E 148 -20.24 27.79 46.58
N VAL E 149 -19.66 28.85 45.99
CA VAL E 149 -18.24 28.92 45.70
C VAL E 149 -17.69 30.25 46.19
N THR E 150 -16.43 30.23 46.59
CA THR E 150 -15.63 31.42 46.82
C THR E 150 -14.61 31.54 45.70
N PRO E 151 -14.35 32.73 45.14
CA PRO E 151 -13.24 32.85 44.20
C PRO E 151 -11.92 32.44 44.84
N GLY E 152 -11.11 31.72 44.07
CA GLY E 152 -9.87 31.16 44.57
C GLY E 152 -10.04 29.90 45.41
N GLU E 153 -11.24 29.32 45.45
CA GLU E 153 -11.55 28.16 46.26
C GLU E 153 -11.83 26.96 45.37
N SER E 154 -11.24 25.82 45.70
CA SER E 154 -11.45 24.61 44.91
C SER E 154 -12.87 24.10 45.07
N VAL E 155 -13.42 23.55 43.99
CA VAL E 155 -14.77 23.00 43.95
C VAL E 155 -14.72 21.67 43.22
N SER E 156 -15.54 20.72 43.67
CA SER E 156 -15.65 19.39 43.06
C SER E 156 -17.11 19.14 42.69
N ILE E 157 -17.33 18.67 41.46
CA ILE E 157 -18.65 18.35 40.94
C ILE E 157 -18.62 16.86 40.61
N SER E 158 -19.74 16.17 40.89
CA SER E 158 -19.82 14.72 40.82
C SER E 158 -20.98 14.30 39.93
N CYS E 159 -20.80 13.17 39.24
CA CYS E 159 -21.82 12.58 38.39
C CYS E 159 -21.75 11.06 38.53
N ARG E 160 -22.88 10.39 38.27
CA ARG E 160 -22.96 8.94 38.37
C ARG E 160 -23.80 8.41 37.23
N SER E 161 -23.48 7.19 36.79
CA SER E 161 -24.15 6.51 35.70
C SER E 161 -24.86 5.27 36.24
N SER E 162 -25.93 4.85 35.56
CA SER E 162 -26.61 3.62 35.93
C SER E 162 -25.73 2.41 35.60
N LYS E 163 -25.07 2.43 34.44
CA LYS E 163 -24.19 1.37 33.97
C LYS E 163 -22.78 1.93 33.86
N SER E 164 -21.80 1.09 34.16
CA SER E 164 -20.41 1.54 34.12
C SER E 164 -20.01 1.93 32.71
N LEU E 165 -19.42 3.12 32.59
CA LEU E 165 -19.04 3.68 31.29
C LEU E 165 -17.70 3.18 30.79
N LEU E 166 -16.98 2.40 31.59
CA LEU E 166 -15.74 1.78 31.13
C LEU E 166 -16.07 0.68 30.12
N HIS E 167 -15.32 0.68 29.02
CA HIS E 167 -15.49 -0.24 27.91
C HIS E 167 -14.23 -1.08 27.78
N SER E 168 -14.38 -2.26 27.15
CA SER E 168 -13.28 -3.23 27.10
C SER E 168 -12.06 -2.68 26.36
N ASN E 169 -12.25 -1.72 25.44
CA ASN E 169 -11.10 -1.05 24.83
C ASN E 169 -10.30 -0.26 25.86
N GLY E 170 -10.92 0.12 26.99
CA GLY E 170 -10.26 0.83 28.06
C GLY E 170 -10.66 2.28 28.22
N ASN E 171 -11.34 2.86 27.23
CA ASN E 171 -11.85 4.22 27.36
C ASN E 171 -13.10 4.23 28.23
N THR E 172 -13.24 5.27 29.04
CA THR E 172 -14.46 5.55 29.80
C THR E 172 -15.09 6.81 29.21
N TYR E 173 -16.26 6.65 28.63
CA TYR E 173 -16.87 7.70 27.80
C TYR E 173 -17.73 8.62 28.65
N LEU E 174 -17.05 9.54 29.36
CA LEU E 174 -17.70 10.61 30.10
C LEU E 174 -17.17 11.94 29.58
N TYR E 175 -18.09 12.88 29.37
CA TYR E 175 -17.80 14.21 28.84
C TYR E 175 -18.41 15.25 29.75
N TRP E 176 -17.63 16.28 30.07
CA TRP E 176 -18.06 17.40 30.89
C TRP E 176 -18.20 18.62 30.00
N PHE E 177 -19.31 19.35 30.18
CA PHE E 177 -19.63 20.55 29.41
C PHE E 177 -19.87 21.71 30.37
N LEU E 178 -19.60 22.92 29.89
CA LEU E 178 -19.85 24.15 30.62
C LEU E 178 -20.71 25.07 29.79
N GLN E 179 -21.85 25.48 30.35
CA GLN E 179 -22.71 26.50 29.78
C GLN E 179 -22.67 27.72 30.68
N ARG E 180 -21.91 28.73 30.27
CA ARG E 180 -21.89 29.99 30.98
C ARG E 180 -23.20 30.74 30.71
N PRO E 181 -23.53 31.73 31.53
CA PRO E 181 -24.82 32.42 31.36
C PRO E 181 -24.93 33.11 30.00
N GLY E 182 -25.96 32.76 29.25
CA GLY E 182 -26.18 33.33 27.94
C GLY E 182 -25.24 32.85 26.87
N GLN E 183 -24.67 31.66 27.01
CA GLN E 183 -23.70 31.11 26.08
C GLN E 183 -24.04 29.65 25.78
N SER E 184 -23.54 29.16 24.66
CA SER E 184 -23.73 27.76 24.32
C SER E 184 -22.81 26.89 25.18
N PRO E 185 -23.10 25.59 25.32
CA PRO E 185 -22.19 24.72 26.07
C PRO E 185 -20.82 24.62 25.41
N GLN E 186 -19.79 24.45 26.25
CA GLN E 186 -18.41 24.28 25.81
C GLN E 186 -17.88 23.00 26.43
N LEU E 187 -17.26 22.15 25.61
CA LEU E 187 -16.61 20.96 26.13
C LEU E 187 -15.42 21.34 27.00
N LEU E 188 -15.31 20.70 28.16
CA LEU E 188 -14.16 20.82 29.05
C LEU E 188 -13.29 19.58 29.02
N ILE E 189 -13.88 18.41 29.29
CA ILE E 189 -13.19 17.13 29.39
C ILE E 189 -13.89 16.15 28.49
N TYR E 190 -13.12 15.35 27.75
CA TYR E 190 -13.64 14.24 26.96
C TYR E 190 -13.02 12.95 27.46
N ARG E 191 -13.86 11.95 27.72
CA ARG E 191 -13.50 10.61 28.17
C ARG E 191 -12.87 10.63 29.56
N MET E 192 -13.35 11.50 30.46
CA MET E 192 -13.16 11.46 31.91
C MET E 192 -11.80 11.92 32.39
N SER E 193 -10.78 11.99 31.51
CA SER E 193 -9.45 12.44 31.90
C SER E 193 -8.81 13.41 30.92
N ASN E 194 -9.13 13.32 29.64
CA ASN E 194 -8.51 14.19 28.66
C ASN E 194 -9.16 15.57 28.71
N LEU E 195 -8.36 16.59 28.40
CA LEU E 195 -8.77 17.99 28.52
C LEU E 195 -8.88 18.59 27.12
N ALA E 196 -10.00 19.25 26.86
CA ALA E 196 -10.23 19.84 25.55
C ALA E 196 -9.26 20.99 25.30
N SER E 197 -8.95 21.21 24.03
CA SER E 197 -8.06 22.30 23.67
C SER E 197 -8.70 23.65 23.97
N GLY E 198 -7.88 24.59 24.42
CA GLY E 198 -8.37 25.90 24.81
C GLY E 198 -8.95 25.98 26.20
N VAL E 199 -8.79 24.94 27.00
CA VAL E 199 -9.31 24.88 28.37
C VAL E 199 -8.10 24.98 29.32
N PRO E 200 -8.16 25.79 30.37
CA PRO E 200 -7.00 25.88 31.26
C PRO E 200 -6.79 24.61 32.07
N ASP E 201 -5.58 24.48 32.61
CA ASP E 201 -5.18 23.28 33.34
C ASP E 201 -5.90 23.12 34.68
N ARG E 202 -6.63 24.14 35.14
CA ARG E 202 -7.29 24.07 36.44
C ARG E 202 -8.31 22.94 36.48
N PHE E 203 -9.05 22.73 35.40
CA PHE E 203 -9.99 21.62 35.35
C PHE E 203 -9.25 20.29 35.26
N SER E 204 -9.73 19.31 36.01
CA SER E 204 -9.23 17.95 35.96
C SER E 204 -10.39 17.01 36.21
N GLY E 205 -10.33 15.84 35.57
CA GLY E 205 -11.36 14.83 35.68
C GLY E 205 -10.83 13.53 36.23
N SER E 206 -11.34 13.14 37.40
CA SER E 206 -11.03 11.87 38.05
C SER E 206 -12.32 11.07 38.14
N GLY E 207 -12.25 9.79 37.82
CA GLY E 207 -13.43 8.94 37.87
C GLY E 207 -13.08 7.48 37.88
N SER E 208 -13.90 6.72 38.60
CA SER E 208 -13.98 5.27 38.48
C SER E 208 -15.20 4.97 37.63
N GLY E 209 -15.31 3.73 37.16
CA GLY E 209 -16.53 3.31 36.51
C GLY E 209 -17.72 3.50 37.44
N THR E 210 -18.80 4.10 36.92
CA THR E 210 -20.09 4.35 37.57
C THR E 210 -20.03 5.54 38.55
N ALA E 211 -18.84 6.08 38.85
CA ALA E 211 -18.69 7.19 39.79
C ALA E 211 -17.58 8.10 39.29
N PHE E 212 -17.95 9.33 38.94
CA PHE E 212 -17.07 10.28 38.26
C PHE E 212 -17.12 11.61 38.97
N THR E 213 -16.10 12.43 38.75
CA THR E 213 -16.08 13.79 39.28
C THR E 213 -15.21 14.68 38.41
N LEU E 214 -15.51 15.97 38.44
CA LEU E 214 -14.68 17.02 37.87
C LEU E 214 -14.23 17.92 39.00
N THR E 215 -12.93 18.21 39.03
CA THR E 215 -12.32 19.04 40.06
C THR E 215 -11.89 20.36 39.44
N ILE E 216 -12.42 21.46 39.96
CA ILE E 216 -12.02 22.81 39.59
C ILE E 216 -11.29 23.41 40.78
N SER E 217 -10.03 23.80 40.56
CA SER E 217 -9.17 24.34 41.60
C SER E 217 -8.77 25.76 41.24
N ARG E 218 -8.69 26.61 42.26
CA ARG E 218 -8.42 28.04 42.06
C ARG E 218 -9.50 28.67 41.18
N LEU E 219 -10.75 28.54 41.62
CA LEU E 219 -11.89 28.99 40.82
C LEU E 219 -11.86 30.50 40.63
N GLU E 220 -12.25 30.94 39.44
CA GLU E 220 -12.22 32.33 39.04
C GLU E 220 -13.58 32.71 38.46
N ALA E 221 -13.75 34.00 38.21
CA ALA E 221 -14.90 34.44 37.42
C ALA E 221 -14.78 33.87 36.01
N GLU E 222 -15.93 33.59 35.40
CA GLU E 222 -16.10 32.98 34.07
C GLU E 222 -15.90 31.46 34.10
N ASP E 223 -15.59 30.87 35.26
CA ASP E 223 -15.70 29.44 35.47
C ASP E 223 -17.09 29.04 35.97
N VAL E 224 -18.03 29.98 36.00
CA VAL E 224 -19.27 29.84 36.76
C VAL E 224 -20.39 29.56 35.77
N GLY E 225 -21.03 28.40 35.90
CA GLY E 225 -22.14 28.02 35.04
C GLY E 225 -22.63 26.64 35.37
N VAL E 226 -23.60 26.19 34.59
CA VAL E 226 -24.16 24.86 34.78
C VAL E 226 -23.24 23.83 34.12
N TYR E 227 -22.89 22.79 34.86
CA TYR E 227 -21.99 21.73 34.40
C TYR E 227 -22.82 20.49 34.08
N TYR E 228 -22.65 19.96 32.87
CA TYR E 228 -23.40 18.80 32.39
C TYR E 228 -22.45 17.64 32.12
N CYS E 229 -22.81 16.47 32.61
CA CYS E 229 -22.07 15.23 32.39
C CYS E 229 -22.83 14.38 31.39
N MET E 230 -22.15 13.93 30.34
CA MET E 230 -22.74 13.19 29.24
C MET E 230 -22.02 11.86 29.08
N GLN E 231 -22.78 10.84 28.68
CA GLN E 231 -22.23 9.53 28.34
C GLN E 231 -22.28 9.37 26.82
N HIS E 232 -21.19 8.90 26.24
CA HIS E 232 -21.11 8.52 24.84
C HIS E 232 -20.82 7.03 24.66
N LEU E 233 -21.09 6.22 25.69
CA LEU E 233 -20.86 4.78 25.58
C LEU E 233 -21.79 4.16 24.55
N GLU E 234 -23.07 4.54 24.56
CA GLU E 234 -24.07 3.98 23.67
C GLU E 234 -25.16 5.01 23.43
N TYR E 235 -25.82 4.89 22.28
CA TYR E 235 -26.97 5.73 22.00
C TYR E 235 -28.21 5.17 22.70
N PRO E 236 -29.16 6.03 23.13
CA PRO E 236 -29.22 7.49 23.08
C PRO E 236 -28.22 8.14 24.04
N LEU E 237 -27.83 9.38 23.78
CA LEU E 237 -26.85 10.09 24.59
C LEU E 237 -27.58 10.93 25.61
N THR E 238 -27.22 10.77 26.88
CA THR E 238 -27.97 11.31 28.01
C THR E 238 -27.09 12.27 28.80
N PHE E 239 -27.64 13.44 29.12
CA PHE E 239 -27.01 14.43 29.97
C PHE E 239 -27.69 14.42 31.33
N GLY E 240 -26.90 14.58 32.39
CA GLY E 240 -27.48 14.87 33.68
C GLY E 240 -28.09 16.25 33.73
N ALA E 241 -28.91 16.47 34.77
CA ALA E 241 -29.52 17.78 34.94
C ALA E 241 -28.46 18.86 35.18
N GLY E 242 -27.40 18.51 35.89
CA GLY E 242 -26.24 19.37 36.03
C GLY E 242 -26.30 20.23 37.27
N THR E 243 -25.12 20.74 37.65
CA THR E 243 -24.92 21.54 38.86
C THR E 243 -24.56 22.96 38.47
N LYS E 244 -25.38 23.91 38.92
CA LYS E 244 -25.01 25.32 38.85
C LYS E 244 -23.89 25.59 39.85
N LEU E 245 -23.07 26.59 39.54
CA LEU E 245 -22.15 27.21 40.49
C LEU E 245 -22.59 28.66 40.66
N GLU E 246 -22.54 29.16 41.88
CA GLU E 246 -22.96 30.53 42.21
C GLU E 246 -21.91 31.19 43.10
N LEU E 247 -21.53 32.41 42.75
CA LEU E 247 -20.55 33.19 43.51
C LEU E 247 -20.97 33.35 44.97
#